data_9FM0
#
_entry.id   9FM0
#
_cell.length_a   87.582
_cell.length_b   92.308
_cell.length_c   105.220
_cell.angle_alpha   90.000
_cell.angle_beta   104.828
_cell.angle_gamma   90.000
#
_symmetry.space_group_name_H-M   'P 1 21 1'
#
loop_
_entity.id
_entity.type
_entity.pdbx_description
1 polymer 'Human Fab Heavy Chain (FabHC) V-region'
2 polymer 'Human Fab Light Chain (FabLC) V-region'
3 polymer 'Type III secretion protein PcrV'
4 non-polymer 'CHLORIDE ION'
5 non-polymer DI(HYDROXYETHYL)ETHER
6 water water
#
loop_
_entity_poly.entity_id
_entity_poly.type
_entity_poly.pdbx_seq_one_letter_code
_entity_poly.pdbx_strand_id
1 'polypeptide(L)'
;QVQLLGSGGGLVQPGGSLRLSCAASGFTFRNYAMIWVRQAPGKGLDWVSTISGTGDSSDYADSVRGRFTVSRDNSKNTLY
LEMNSLRAEDTAVFYCAKDSRGAAAEFFDYWGQGIFVTVSSASTKGPSVFPLAPSSKSTSGGTAALGCLVKDYFPEPVTV
SWNSGALTSGVHTFPAVLQSSGLYSLSSVVTVPSSSLGTQTYICNVNHKPSNTKVDKRVEPKSCD
;
A,B
2 'polypeptide(L)'
;AIRMTQSPSSFSASIGDRVTITCRASQGISSYLAWYQQKPGKAPNLLIYATSSLQSGVPSRFSGSGSGTDFTLTITSLQS
EDFATYYCQQYYSHPLTFGGGTKVEIKRTVAAPSVFIFPPSDEQLKSGTASVVCLLNNFYPREAKVQWKVDNALQSGNSQ
ESVTEQDSKDSTYSLSSTLTLSKADYEKHKVYACEVTHQGLSSPVTKSFNRGEC
;
C,D
3 'polypeptide(L)'
;MEVRNLNAARELFLDELKALTAELKVYSVIQSQINAALSAKQGIRIDAGGIDLVDPTLYGYAVGDPRWKDSPEYALLSNL
DTFSGKLSIKDFLSGSPKQSGELKGLSDEYPFEKDNNPVGNFATTVSDRSR
;
E,F
#
# COMPACT_ATOMS: atom_id res chain seq x y z
N GLN A 1 8.99 -21.07 -41.24
CA GLN A 1 8.65 -20.16 -40.10
C GLN A 1 7.78 -20.90 -39.06
N VAL A 2 7.91 -20.51 -37.78
CA VAL A 2 7.03 -21.05 -36.75
C VAL A 2 5.68 -20.35 -36.85
N GLN A 3 4.59 -21.15 -36.91
CA GLN A 3 3.25 -20.60 -37.03
C GLN A 3 2.24 -21.43 -36.22
N LEU A 4 1.28 -20.69 -35.65
CA LEU A 4 0.15 -21.22 -34.91
C LEU A 4 -1.10 -20.50 -35.42
N LEU A 5 -1.86 -21.18 -36.29
CA LEU A 5 -3.00 -20.54 -36.95
C LEU A 5 -4.27 -20.97 -36.26
N GLY A 6 -4.95 -20.00 -35.65
CA GLY A 6 -6.08 -20.25 -34.77
C GLY A 6 -7.40 -20.15 -35.53
N SER A 7 -8.44 -20.80 -35.00
CA SER A 7 -9.76 -20.76 -35.60
C SER A 7 -10.77 -21.37 -34.63
N GLY A 8 -12.04 -21.39 -35.06
CA GLY A 8 -13.09 -22.02 -34.32
C GLY A 8 -13.75 -21.05 -33.35
N GLY A 9 -13.44 -19.76 -33.50
CA GLY A 9 -13.99 -18.73 -32.62
C GLY A 9 -15.36 -18.27 -33.09
N GLY A 10 -15.83 -17.14 -32.54
CA GLY A 10 -17.00 -16.45 -33.07
C GLY A 10 -18.05 -16.16 -32.00
N LEU A 11 -19.29 -16.09 -32.46
CA LEU A 11 -20.44 -15.74 -31.64
C LEU A 11 -21.21 -17.00 -31.29
N VAL A 12 -21.67 -17.05 -30.03
CA VAL A 12 -22.38 -18.21 -29.51
C VAL A 12 -23.38 -17.74 -28.45
N GLN A 13 -24.49 -18.48 -28.36
CA GLN A 13 -25.53 -18.24 -27.38
C GLN A 13 -24.97 -18.60 -26.00
N PRO A 14 -25.41 -17.92 -24.92
CA PRO A 14 -25.05 -18.36 -23.57
C PRO A 14 -25.53 -19.81 -23.42
N GLY A 15 -24.64 -20.62 -22.86
CA GLY A 15 -24.90 -22.04 -22.69
C GLY A 15 -24.35 -22.84 -23.86
N GLY A 16 -23.99 -22.15 -24.95
CA GLY A 16 -23.53 -22.82 -26.16
C GLY A 16 -22.10 -23.32 -26.05
N SER A 17 -21.61 -23.91 -27.16
CA SER A 17 -20.29 -24.52 -27.22
C SER A 17 -19.50 -23.95 -28.40
N LEU A 18 -18.18 -24.00 -28.27
CA LEU A 18 -17.25 -23.67 -29.35
C LEU A 18 -16.10 -24.68 -29.27
N ARG A 19 -15.37 -24.82 -30.37
CA ARG A 19 -14.16 -25.62 -30.37
C ARG A 19 -13.05 -24.79 -31.02
N LEU A 20 -12.20 -24.20 -30.17
CA LEU A 20 -11.06 -23.46 -30.65
C LEU A 20 -10.01 -24.43 -31.16
N SER A 21 -9.30 -23.99 -32.18
CA SER A 21 -8.40 -24.83 -32.95
C SER A 21 -7.15 -24.04 -33.24
N CYS A 22 -6.01 -24.72 -33.17
CA CYS A 22 -4.78 -24.03 -33.43
C CYS A 22 -3.83 -24.96 -34.19
N ALA A 23 -3.61 -24.63 -35.48
CA ALA A 23 -2.82 -25.45 -36.39
C ALA A 23 -1.35 -25.03 -36.37
N ALA A 24 -0.47 -25.97 -36.03
CA ALA A 24 0.93 -25.66 -35.77
C ALA A 24 1.81 -26.06 -36.96
N SER A 25 2.81 -25.24 -37.28
CA SER A 25 3.79 -25.64 -38.29
C SER A 25 5.11 -24.93 -38.04
N GLY A 26 6.20 -25.56 -38.50
CA GLY A 26 7.53 -25.00 -38.42
C GLY A 26 8.31 -25.46 -37.18
N PHE A 27 7.76 -26.43 -36.43
CA PHE A 27 8.48 -27.00 -35.30
C PHE A 27 7.86 -28.35 -34.98
N THR A 28 8.59 -29.18 -34.23
CA THR A 28 8.12 -30.54 -33.98
C THR A 28 7.11 -30.51 -32.85
N PHE A 29 5.86 -30.26 -33.23
CA PHE A 29 4.78 -29.94 -32.29
C PHE A 29 4.71 -30.95 -31.15
N ARG A 30 4.90 -32.23 -31.49
CA ARG A 30 4.66 -33.28 -30.51
C ARG A 30 5.67 -33.18 -29.36
N ASN A 31 6.69 -32.33 -29.49
CA ASN A 31 7.67 -32.21 -28.42
C ASN A 31 7.43 -30.94 -27.58
N TYR A 32 6.29 -30.27 -27.75
CA TYR A 32 6.06 -29.06 -26.98
C TYR A 32 4.74 -29.13 -26.23
N ALA A 33 4.84 -29.01 -24.90
CA ALA A 33 3.70 -28.66 -24.07
C ALA A 33 3.16 -27.31 -24.54
N MET A 34 1.83 -27.18 -24.46
CA MET A 34 1.12 -26.03 -25.00
C MET A 34 0.15 -25.50 -23.95
N ILE A 35 -0.19 -24.21 -24.08
CA ILE A 35 -1.18 -23.64 -23.18
C ILE A 35 -2.28 -22.89 -23.96
N TRP A 36 -3.41 -22.67 -23.29
CA TRP A 36 -4.38 -21.69 -23.75
C TRP A 36 -4.42 -20.53 -22.76
N VAL A 37 -4.41 -19.30 -23.29
CA VAL A 37 -4.51 -18.10 -22.48
C VAL A 37 -5.69 -17.29 -22.99
N ARG A 38 -6.47 -16.70 -22.08
CA ARG A 38 -7.60 -15.85 -22.45
C ARG A 38 -7.30 -14.43 -22.01
N GLN A 39 -7.93 -13.48 -22.71
CA GLN A 39 -7.86 -12.08 -22.36
C GLN A 39 -9.20 -11.41 -22.58
N ALA A 40 -9.94 -11.20 -21.47
CA ALA A 40 -11.21 -10.50 -21.49
C ALA A 40 -11.03 -9.04 -21.93
N PRO A 41 -12.06 -8.42 -22.52
CA PRO A 41 -11.94 -7.04 -23.00
C PRO A 41 -11.46 -6.07 -21.92
N GLY A 42 -10.36 -5.36 -22.24
CA GLY A 42 -9.76 -4.39 -21.35
C GLY A 42 -9.15 -5.02 -20.11
N LYS A 43 -8.86 -6.33 -20.15
CA LYS A 43 -8.29 -7.01 -18.99
C LYS A 43 -6.92 -7.55 -19.36
N GLY A 44 -6.24 -8.18 -18.40
CA GLY A 44 -4.94 -8.76 -18.62
C GLY A 44 -5.02 -10.21 -19.07
N LEU A 45 -3.93 -10.96 -18.88
CA LEU A 45 -3.81 -12.31 -19.39
C LEU A 45 -4.21 -13.30 -18.30
N ASP A 46 -5.01 -14.31 -18.68
CA ASP A 46 -5.40 -15.35 -17.75
C ASP A 46 -5.11 -16.71 -18.37
N TRP A 47 -4.30 -17.53 -17.70
CA TRP A 47 -4.08 -18.91 -18.09
C TRP A 47 -5.38 -19.73 -17.97
N VAL A 48 -5.68 -20.55 -19.01
CA VAL A 48 -6.92 -21.33 -19.07
C VAL A 48 -6.61 -22.82 -18.89
N SER A 49 -5.65 -23.33 -19.69
CA SER A 49 -5.28 -24.72 -19.58
C SER A 49 -3.88 -24.99 -20.11
N THR A 50 -3.33 -26.13 -19.66
CA THR A 50 -2.04 -26.66 -20.06
C THR A 50 -2.23 -28.08 -20.59
N ILE A 51 -1.46 -28.44 -21.64
CA ILE A 51 -1.45 -29.84 -22.10
C ILE A 51 -0.01 -30.27 -22.39
N SER A 52 0.31 -31.51 -22.00
CA SER A 52 1.65 -32.03 -22.24
C SER A 52 1.88 -32.32 -23.73
N GLY A 53 3.16 -32.47 -24.10
CA GLY A 53 3.58 -32.75 -25.47
C GLY A 53 2.77 -33.87 -26.10
N THR A 54 2.76 -35.06 -25.45
CA THR A 54 2.04 -36.21 -25.97
C THR A 54 0.53 -36.02 -25.81
N GLY A 55 0.10 -35.08 -24.97
CA GLY A 55 -1.31 -34.87 -24.71
C GLY A 55 -1.84 -35.79 -23.61
N ASP A 56 -0.96 -36.48 -22.86
CA ASP A 56 -1.37 -37.45 -21.86
C ASP A 56 -1.59 -36.80 -20.49
N SER A 57 -1.42 -35.47 -20.41
CA SER A 57 -1.63 -34.74 -19.18
C SER A 57 -2.15 -33.34 -19.50
N SER A 58 -3.10 -32.88 -18.68
CA SER A 58 -3.67 -31.57 -18.86
C SER A 58 -4.06 -30.96 -17.51
N ASP A 59 -3.99 -29.62 -17.43
CA ASP A 59 -4.47 -28.89 -16.27
C ASP A 59 -5.34 -27.73 -16.72
N TYR A 60 -6.23 -27.28 -15.80
CA TYR A 60 -7.24 -26.27 -16.09
C TYR A 60 -7.36 -25.26 -14.96
N ALA A 61 -7.62 -24.01 -15.32
CA ALA A 61 -8.06 -23.01 -14.36
C ALA A 61 -9.38 -23.47 -13.75
N ASP A 62 -9.60 -23.17 -12.46
CA ASP A 62 -10.73 -23.72 -11.73
CA ASP A 62 -10.73 -23.69 -11.70
C ASP A 62 -12.05 -23.25 -12.36
N SER A 63 -12.04 -22.07 -13.01
CA SER A 63 -13.28 -21.52 -13.56
C SER A 63 -13.78 -22.26 -14.80
N VAL A 64 -12.95 -23.10 -15.43
CA VAL A 64 -13.32 -23.74 -16.69
C VAL A 64 -13.29 -25.27 -16.55
N ARG A 65 -12.89 -25.72 -15.35
CA ARG A 65 -12.75 -27.14 -15.02
C ARG A 65 -14.07 -27.85 -15.30
N GLY A 66 -13.98 -28.96 -16.02
CA GLY A 66 -15.15 -29.77 -16.31
C GLY A 66 -15.84 -29.33 -17.59
N ARG A 67 -15.85 -28.01 -17.90
CA ARG A 67 -16.66 -27.52 -19.01
C ARG A 67 -15.78 -27.15 -20.21
N PHE A 68 -14.46 -27.02 -19.97
CA PHE A 68 -13.51 -26.89 -21.07
C PHE A 68 -12.69 -28.17 -21.11
N THR A 69 -12.37 -28.66 -22.33
CA THR A 69 -11.44 -29.78 -22.47
C THR A 69 -10.36 -29.40 -23.48
N VAL A 70 -9.09 -29.59 -23.06
CA VAL A 70 -7.95 -29.40 -23.94
C VAL A 70 -7.57 -30.75 -24.52
N SER A 71 -7.10 -30.75 -25.77
CA SER A 71 -6.76 -31.97 -26.48
C SER A 71 -5.83 -31.61 -27.61
N ARG A 72 -5.16 -32.62 -28.19
CA ARG A 72 -4.26 -32.34 -29.29
C ARG A 72 -4.16 -33.54 -30.21
N ASP A 73 -3.82 -33.25 -31.48
CA ASP A 73 -3.63 -34.25 -32.51
C ASP A 73 -2.23 -34.07 -33.07
N ASN A 74 -1.35 -35.01 -32.71
CA ASN A 74 0.07 -34.87 -32.96
C ASN A 74 0.42 -35.33 -34.37
N SER A 75 -0.43 -36.16 -34.98
CA SER A 75 -0.21 -36.47 -36.39
C SER A 75 -0.58 -35.27 -37.25
N LYS A 76 -1.67 -34.57 -36.91
CA LYS A 76 -2.16 -33.46 -37.73
C LYS A 76 -1.55 -32.13 -37.27
N ASN A 77 -0.82 -32.14 -36.14
CA ASN A 77 -0.21 -30.95 -35.56
C ASN A 77 -1.28 -29.91 -35.27
N THR A 78 -2.32 -30.34 -34.54
CA THR A 78 -3.40 -29.44 -34.16
C THR A 78 -3.57 -29.44 -32.63
N LEU A 79 -3.78 -28.25 -32.07
CA LEU A 79 -4.17 -28.07 -30.67
C LEU A 79 -5.64 -27.71 -30.60
N TYR A 80 -6.38 -28.31 -29.65
CA TYR A 80 -7.80 -28.04 -29.54
C TYR A 80 -8.14 -27.48 -28.17
N LEU A 81 -9.21 -26.67 -28.11
CA LEU A 81 -9.89 -26.33 -26.88
C LEU A 81 -11.40 -26.44 -27.10
N GLU A 82 -12.00 -27.49 -26.56
CA GLU A 82 -13.44 -27.62 -26.55
C GLU A 82 -14.01 -26.82 -25.38
N MET A 83 -14.95 -25.92 -25.68
CA MET A 83 -15.55 -25.06 -24.69
C MET A 83 -17.06 -25.25 -24.67
N ASN A 84 -17.59 -25.67 -23.51
CA ASN A 84 -19.03 -25.84 -23.33
C ASN A 84 -19.53 -24.88 -22.24
N SER A 85 -20.86 -24.77 -22.13
CA SER A 85 -21.51 -24.04 -21.07
C SER A 85 -20.94 -22.63 -20.95
N LEU A 86 -20.93 -21.92 -22.08
CA LEU A 86 -20.28 -20.63 -22.15
C LEU A 86 -21.15 -19.54 -21.52
N ARG A 87 -20.47 -18.56 -20.88
CA ARG A 87 -21.06 -17.46 -20.13
C ARG A 87 -20.58 -16.15 -20.73
N ALA A 88 -21.26 -15.05 -20.43
CA ALA A 88 -20.80 -13.75 -20.92
C ALA A 88 -19.34 -13.53 -20.53
N GLU A 89 -18.98 -13.94 -19.30
CA GLU A 89 -17.66 -13.76 -18.73
C GLU A 89 -16.60 -14.48 -19.56
N ASP A 90 -17.01 -15.43 -20.43
CA ASP A 90 -16.06 -16.13 -21.28
C ASP A 90 -15.68 -15.32 -22.52
N THR A 91 -16.48 -14.28 -22.84
CA THR A 91 -16.19 -13.37 -23.94
C THR A 91 -14.77 -12.85 -23.80
N ALA A 92 -13.94 -13.04 -24.84
CA ALA A 92 -12.50 -12.85 -24.70
C ALA A 92 -11.78 -13.21 -25.98
N VAL A 93 -10.49 -12.87 -26.03
CA VAL A 93 -9.59 -13.35 -27.05
C VAL A 93 -8.77 -14.49 -26.45
N PHE A 94 -8.64 -15.59 -27.22
CA PHE A 94 -7.89 -16.76 -26.77
C PHE A 94 -6.63 -16.92 -27.61
N TYR A 95 -5.50 -17.12 -26.93
CA TYR A 95 -4.22 -17.39 -27.55
C TYR A 95 -3.82 -18.83 -27.21
N CYS A 96 -3.37 -19.56 -28.22
CA CYS A 96 -2.57 -20.75 -27.99
C CYS A 96 -1.12 -20.30 -27.88
N ALA A 97 -0.32 -21.03 -27.09
CA ALA A 97 1.07 -20.69 -26.93
C ALA A 97 1.90 -21.94 -26.67
N LYS A 98 3.11 -21.96 -27.27
CA LYS A 98 4.02 -23.08 -27.11
C LYS A 98 5.10 -22.75 -26.10
N ASP A 99 5.46 -23.73 -25.26
CA ASP A 99 6.58 -23.58 -24.37
C ASP A 99 7.83 -23.34 -25.19
N SER A 100 8.74 -22.58 -24.62
CA SER A 100 10.00 -22.26 -25.24
C SER A 100 10.79 -23.54 -25.53
N ARG A 101 10.76 -24.49 -24.59
CA ARG A 101 11.71 -25.59 -24.57
C ARG A 101 10.97 -26.91 -24.80
N GLY A 102 9.79 -27.05 -24.20
CA GLY A 102 8.83 -28.04 -24.68
C GLY A 102 8.43 -29.08 -23.66
N ALA A 103 9.38 -29.50 -22.81
CA ALA A 103 9.17 -30.66 -21.95
C ALA A 103 8.09 -30.40 -20.90
N ALA A 104 7.93 -29.13 -20.51
CA ALA A 104 6.85 -28.75 -19.59
C ALA A 104 6.29 -27.41 -20.02
N ALA A 105 5.20 -26.99 -19.36
CA ALA A 105 4.59 -25.71 -19.65
C ALA A 105 5.08 -24.70 -18.61
N GLU A 106 5.87 -23.73 -19.08
CA GLU A 106 6.59 -22.83 -18.20
C GLU A 106 6.57 -21.40 -18.75
N PHE A 107 7.30 -21.14 -19.83
CA PHE A 107 7.30 -19.83 -20.47
C PHE A 107 7.32 -19.99 -21.99
N PHE A 108 6.73 -19.03 -22.71
CA PHE A 108 6.14 -19.27 -24.02
C PHE A 108 6.69 -18.30 -25.07
N ASP A 109 7.49 -18.82 -26.01
CA ASP A 109 8.20 -18.01 -26.99
C ASP A 109 7.33 -17.74 -28.22
N TYR A 110 6.35 -18.60 -28.53
CA TYR A 110 5.47 -18.36 -29.68
C TYR A 110 4.02 -18.45 -29.25
N TRP A 111 3.27 -17.43 -29.66
CA TRP A 111 1.86 -17.28 -29.36
C TRP A 111 1.09 -17.11 -30.65
N GLY A 112 0.01 -17.89 -30.82
CA GLY A 112 -0.89 -17.65 -31.93
C GLY A 112 -1.60 -16.30 -31.79
N GLN A 113 -2.05 -15.74 -32.91
CA GLN A 113 -2.87 -14.55 -32.88
C GLN A 113 -4.22 -14.92 -32.28
N GLY A 114 -4.82 -13.96 -31.59
CA GLY A 114 -5.97 -14.23 -30.74
C GLY A 114 -7.18 -14.69 -31.54
N ILE A 115 -7.94 -15.61 -30.95
CA ILE A 115 -9.22 -16.07 -31.47
C ILE A 115 -10.32 -15.40 -30.66
N PHE A 116 -11.23 -14.68 -31.34
CA PHE A 116 -12.27 -13.91 -30.70
C PHE A 116 -13.42 -14.83 -30.33
N VAL A 117 -13.82 -14.76 -29.07
CA VAL A 117 -14.99 -15.47 -28.59
C VAL A 117 -15.93 -14.45 -28.00
N THR A 118 -17.13 -14.39 -28.58
CA THR A 118 -18.20 -13.57 -28.02
C THR A 118 -19.35 -14.48 -27.62
N VAL A 119 -19.79 -14.33 -26.37
CA VAL A 119 -20.91 -15.08 -25.83
C VAL A 119 -22.04 -14.10 -25.62
N SER A 120 -23.10 -14.23 -26.42
CA SER A 120 -24.20 -13.28 -26.39
C SER A 120 -25.43 -13.87 -27.05
N SER A 121 -26.62 -13.47 -26.59
CA SER A 121 -27.85 -13.95 -27.20
C SER A 121 -28.23 -13.09 -28.41
N ALA A 122 -27.43 -12.05 -28.70
CA ALA A 122 -27.69 -11.19 -29.85
C ALA A 122 -27.33 -11.90 -31.15
N SER A 123 -28.01 -11.47 -32.22
CA SER A 123 -27.80 -11.99 -33.57
C SER A 123 -26.52 -11.41 -34.16
N THR A 124 -25.91 -12.19 -35.07
CA THR A 124 -24.85 -11.72 -35.94
C THR A 124 -25.40 -10.66 -36.87
N LYS A 125 -24.60 -9.61 -37.13
CA LYS A 125 -24.92 -8.68 -38.21
C LYS A 125 -23.64 -8.34 -38.94
N GLY A 126 -23.67 -8.50 -40.26
CA GLY A 126 -22.57 -8.12 -41.12
C GLY A 126 -22.55 -6.61 -41.33
N PRO A 127 -21.35 -6.04 -41.59
CA PRO A 127 -21.22 -4.60 -41.74
C PRO A 127 -21.64 -4.13 -43.12
N SER A 128 -22.18 -2.90 -43.16
CA SER A 128 -22.12 -2.11 -44.37
C SER A 128 -20.70 -1.59 -44.49
N VAL A 129 -20.23 -1.50 -45.73
CA VAL A 129 -18.96 -0.86 -46.00
C VAL A 129 -19.20 0.31 -46.96
N PHE A 130 -19.00 1.51 -46.42
CA PHE A 130 -19.16 2.74 -47.18
C PHE A 130 -17.79 3.39 -47.41
N PRO A 131 -17.59 4.07 -48.56
CA PRO A 131 -16.32 4.73 -48.83
C PRO A 131 -16.29 6.09 -48.14
N LEU A 132 -15.14 6.38 -47.53
CA LEU A 132 -14.76 7.74 -47.17
C LEU A 132 -13.92 8.32 -48.29
N ALA A 133 -14.62 9.00 -49.22
CA ALA A 133 -14.10 9.38 -50.52
C ALA A 133 -13.16 10.58 -50.37
N PRO A 134 -11.99 10.56 -51.05
CA PRO A 134 -11.11 11.72 -51.07
C PRO A 134 -11.76 12.85 -51.87
N SER A 135 -11.81 14.02 -51.23
CA SER A 135 -12.14 15.27 -51.87
C SER A 135 -11.04 16.24 -51.49
N SER A 136 -11.23 17.52 -51.81
CA SER A 136 -10.28 18.53 -51.38
C SER A 136 -10.53 18.87 -49.91
N LYS A 137 -11.73 18.53 -49.44
CA LYS A 137 -12.06 18.61 -48.01
C LYS A 137 -11.29 17.57 -47.20
N SER A 138 -10.63 16.61 -47.85
CA SER A 138 -9.75 15.67 -47.18
C SER A 138 -8.37 15.66 -47.86
N THR A 139 -8.07 16.77 -48.54
CA THR A 139 -6.73 17.03 -49.07
C THR A 139 -6.14 18.18 -48.25
N SER A 140 -4.94 17.93 -47.72
CA SER A 140 -4.14 18.92 -47.03
C SER A 140 -2.79 19.06 -47.73
N GLY A 141 -2.73 19.96 -48.72
CA GLY A 141 -1.53 20.16 -49.52
C GLY A 141 -1.26 18.98 -50.44
N GLY A 142 -0.15 18.26 -50.20
CA GLY A 142 0.26 17.14 -51.02
C GLY A 142 -0.33 15.81 -50.52
N THR A 143 -1.10 15.86 -49.43
CA THR A 143 -1.58 14.66 -48.76
C THR A 143 -3.10 14.58 -48.89
N ALA A 144 -3.60 13.40 -49.26
CA ALA A 144 -5.02 13.14 -49.25
C ALA A 144 -5.32 12.01 -48.27
N ALA A 145 -6.41 12.17 -47.52
CA ALA A 145 -6.95 11.09 -46.70
C ALA A 145 -8.18 10.53 -47.38
N LEU A 146 -8.31 9.19 -47.30
CA LEU A 146 -9.46 8.45 -47.79
C LEU A 146 -9.64 7.23 -46.88
N GLY A 147 -10.79 6.56 -46.99
CA GLY A 147 -10.99 5.42 -46.11
C GLY A 147 -12.24 4.61 -46.39
N CYS A 148 -12.56 3.71 -45.45
CA CYS A 148 -13.78 2.93 -45.45
C CYS A 148 -14.42 2.99 -44.06
N LEU A 149 -15.71 3.35 -44.04
CA LEU A 149 -16.54 3.23 -42.87
C LEU A 149 -17.19 1.84 -42.89
N VAL A 150 -16.94 1.09 -41.83
CA VAL A 150 -17.39 -0.28 -41.64
C VAL A 150 -18.43 -0.27 -40.52
N LYS A 151 -19.70 -0.20 -40.91
CA LYS A 151 -20.75 0.26 -40.00
C LYS A 151 -21.80 -0.82 -39.78
N ASP A 152 -22.23 -0.95 -38.51
CA ASP A 152 -23.45 -1.63 -38.11
C ASP A 152 -23.26 -3.14 -38.15
N TYR A 153 -22.28 -3.62 -37.39
CA TYR A 153 -21.94 -5.03 -37.38
C TYR A 153 -21.87 -5.54 -35.96
N PHE A 154 -21.94 -6.86 -35.84
CA PHE A 154 -21.87 -7.53 -34.55
C PHE A 154 -21.60 -9.01 -34.79
N PRO A 155 -20.71 -9.64 -34.00
CA PRO A 155 -19.91 -8.98 -32.98
C PRO A 155 -18.55 -8.52 -33.51
N GLU A 156 -17.62 -8.20 -32.59
CA GLU A 156 -16.24 -7.99 -32.96
C GLU A 156 -15.66 -9.32 -33.43
N PRO A 157 -14.57 -9.35 -34.25
CA PRO A 157 -14.02 -8.17 -34.92
C PRO A 157 -14.19 -8.16 -36.43
N VAL A 158 -13.96 -6.99 -37.03
CA VAL A 158 -13.71 -6.90 -38.46
C VAL A 158 -12.21 -6.71 -38.65
N THR A 159 -11.68 -7.23 -39.75
CA THR A 159 -10.33 -6.94 -40.18
C THR A 159 -10.38 -6.16 -41.49
N VAL A 160 -9.55 -5.12 -41.57
CA VAL A 160 -9.47 -4.30 -42.77
C VAL A 160 -8.04 -4.31 -43.28
N SER A 161 -7.89 -4.55 -44.57
CA SER A 161 -6.60 -4.34 -45.20
C SER A 161 -6.81 -3.47 -46.43
N TRP A 162 -5.73 -2.87 -46.94
CA TRP A 162 -5.81 -2.04 -48.13
C TRP A 162 -5.04 -2.66 -49.29
N ASN A 163 -5.62 -2.56 -50.50
CA ASN A 163 -5.10 -3.18 -51.72
C ASN A 163 -4.49 -4.55 -51.38
N SER A 164 -5.32 -5.39 -50.74
CA SER A 164 -5.03 -6.79 -50.48
C SER A 164 -3.73 -6.95 -49.67
N GLY A 165 -3.38 -5.95 -48.86
CA GLY A 165 -2.19 -6.04 -48.03
C GLY A 165 -1.00 -5.27 -48.63
N ALA A 166 -1.12 -4.82 -49.88
CA ALA A 166 -0.07 -4.07 -50.54
C ALA A 166 0.20 -2.76 -49.81
N LEU A 167 -0.85 -2.07 -49.37
CA LEU A 167 -0.74 -0.76 -48.75
C LEU A 167 -0.93 -0.89 -47.24
N THR A 168 0.16 -0.63 -46.51
CA THR A 168 0.13 -0.64 -45.05
C THR A 168 0.61 0.70 -44.50
N SER A 169 1.37 1.42 -45.32
CA SER A 169 1.99 2.65 -44.90
C SER A 169 0.93 3.76 -44.82
N GLY A 170 0.71 4.30 -43.61
CA GLY A 170 -0.19 5.43 -43.44
C GLY A 170 -1.59 5.01 -43.01
N VAL A 171 -1.82 3.70 -42.91
CA VAL A 171 -3.12 3.15 -42.58
C VAL A 171 -3.36 3.31 -41.08
N HIS A 172 -4.51 3.86 -40.72
CA HIS A 172 -5.00 3.81 -39.35
C HIS A 172 -6.37 3.17 -39.38
N THR A 173 -6.48 2.00 -38.76
CA THR A 173 -7.77 1.37 -38.53
C THR A 173 -8.14 1.60 -37.07
N PHE A 174 -9.19 2.42 -36.86
CA PHE A 174 -9.55 2.87 -35.53
C PHE A 174 -10.18 1.71 -34.77
N PRO A 175 -10.12 1.73 -33.43
CA PRO A 175 -10.94 0.80 -32.63
C PRO A 175 -12.44 1.04 -32.83
N ALA A 176 -13.19 -0.05 -32.74
CA ALA A 176 -14.63 -0.01 -32.99
C ALA A 176 -15.33 0.72 -31.85
N VAL A 177 -16.35 1.51 -32.16
CA VAL A 177 -17.16 2.10 -31.11
C VAL A 177 -18.50 1.38 -31.13
N LEU A 178 -18.99 1.08 -29.92
CA LEU A 178 -20.28 0.45 -29.76
C LEU A 178 -21.37 1.52 -29.87
N GLN A 179 -22.10 1.55 -30.99
CA GLN A 179 -23.15 2.54 -31.18
C GLN A 179 -24.31 2.24 -30.22
N SER A 180 -25.25 3.19 -30.14
CA SER A 180 -26.38 3.07 -29.22
C SER A 180 -27.30 1.96 -29.71
N SER A 181 -27.35 1.78 -31.04
CA SER A 181 -28.06 0.66 -31.67
C SER A 181 -27.65 -0.70 -31.08
N GLY A 182 -26.49 -0.79 -30.43
CA GLY A 182 -25.99 -2.08 -29.99
C GLY A 182 -25.03 -2.72 -31.00
N LEU A 183 -24.85 -2.05 -32.16
CA LEU A 183 -23.94 -2.53 -33.20
C LEU A 183 -22.65 -1.71 -33.17
N TYR A 184 -21.58 -2.31 -33.68
CA TYR A 184 -20.30 -1.62 -33.78
C TYR A 184 -20.16 -0.88 -35.09
N SER A 185 -19.23 0.06 -35.08
CA SER A 185 -18.84 0.83 -36.25
C SER A 185 -17.37 1.18 -36.08
N LEU A 186 -16.63 1.17 -37.19
CA LEU A 186 -15.30 1.75 -37.20
C LEU A 186 -15.02 2.32 -38.57
N SER A 187 -13.95 3.11 -38.67
CA SER A 187 -13.41 3.53 -39.94
C SER A 187 -11.98 3.00 -40.06
N SER A 188 -11.57 2.73 -41.30
CA SER A 188 -10.17 2.57 -41.61
C SER A 188 -9.81 3.69 -42.57
N VAL A 189 -8.69 4.39 -42.34
CA VAL A 189 -8.31 5.51 -43.18
C VAL A 189 -6.85 5.33 -43.58
N VAL A 190 -6.48 5.99 -44.67
CA VAL A 190 -5.08 6.03 -45.08
C VAL A 190 -4.79 7.39 -45.72
N THR A 191 -3.56 7.88 -45.53
CA THR A 191 -3.10 9.08 -46.21
C THR A 191 -2.16 8.69 -47.34
N VAL A 192 -2.34 9.37 -48.47
CA VAL A 192 -1.68 9.00 -49.71
C VAL A 192 -1.33 10.30 -50.42
N PRO A 193 -0.36 10.28 -51.37
CA PRO A 193 -0.12 11.44 -52.23
C PRO A 193 -1.40 11.88 -52.94
N SER A 194 -1.75 13.17 -52.79
CA SER A 194 -2.95 13.68 -53.44
C SER A 194 -2.82 13.64 -54.98
N SER A 195 -1.61 13.41 -55.50
CA SER A 195 -1.41 13.26 -56.93
C SER A 195 -1.64 11.81 -57.36
N SER A 196 -1.77 10.88 -56.39
CA SER A 196 -2.04 9.48 -56.75
C SER A 196 -3.54 9.26 -56.99
N LEU A 197 -4.38 10.10 -56.37
CA LEU A 197 -5.83 9.93 -56.49
C LEU A 197 -6.24 9.71 -57.94
N GLY A 198 -5.68 10.50 -58.86
CA GLY A 198 -5.97 10.37 -60.28
C GLY A 198 -5.66 8.98 -60.83
N THR A 199 -4.46 8.46 -60.51
CA THR A 199 -3.89 7.35 -61.27
C THR A 199 -4.08 6.00 -60.57
N GLN A 200 -4.03 6.01 -59.22
CA GLN A 200 -3.87 4.80 -58.41
C GLN A 200 -5.21 4.38 -57.79
N THR A 201 -5.42 3.06 -57.71
CA THR A 201 -6.64 2.42 -57.22
C THR A 201 -6.54 2.12 -55.74
N TYR A 202 -7.55 2.54 -54.96
CA TYR A 202 -7.57 2.25 -53.52
C TYR A 202 -8.78 1.38 -53.16
N ILE A 203 -8.50 0.19 -52.64
CA ILE A 203 -9.55 -0.79 -52.35
C ILE A 203 -9.34 -1.33 -50.95
N CYS A 204 -10.37 -1.15 -50.10
CA CYS A 204 -10.35 -1.74 -48.77
C CYS A 204 -11.04 -3.11 -48.78
N ASN A 205 -10.37 -4.06 -48.12
CA ASN A 205 -10.80 -5.44 -48.03
C ASN A 205 -11.29 -5.71 -46.62
N VAL A 206 -12.61 -5.75 -46.43
CA VAL A 206 -13.21 -5.88 -45.11
C VAL A 206 -13.68 -7.30 -44.89
N ASN A 207 -13.25 -7.92 -43.77
CA ASN A 207 -13.66 -9.27 -43.42
C ASN A 207 -14.35 -9.27 -42.07
N HIS A 208 -15.58 -9.77 -42.07
CA HIS A 208 -16.30 -10.07 -40.84
C HIS A 208 -16.64 -11.55 -40.87
N LYS A 209 -15.87 -12.33 -40.12
CA LYS A 209 -15.94 -13.78 -40.20
C LYS A 209 -17.27 -14.29 -39.62
N PRO A 210 -17.71 -13.85 -38.42
CA PRO A 210 -18.99 -14.30 -37.86
C PRO A 210 -20.19 -14.19 -38.80
N SER A 211 -20.15 -13.24 -39.77
CA SER A 211 -21.25 -13.01 -40.69
C SER A 211 -20.91 -13.50 -42.09
N ASN A 212 -19.72 -14.09 -42.24
CA ASN A 212 -19.22 -14.50 -43.55
C ASN A 212 -19.22 -13.33 -44.52
N THR A 213 -18.93 -12.11 -44.02
CA THR A 213 -18.81 -10.95 -44.89
C THR A 213 -17.36 -10.80 -45.33
N LYS A 214 -17.20 -10.66 -46.66
CA LYS A 214 -15.90 -10.46 -47.29
C LYS A 214 -16.10 -9.43 -48.39
N VAL A 215 -15.95 -8.15 -48.06
CA VAL A 215 -16.18 -7.07 -49.02
C VAL A 215 -14.83 -6.58 -49.51
N ASP A 216 -14.79 -6.16 -50.79
CA ASP A 216 -13.65 -5.45 -51.35
C ASP A 216 -14.24 -4.21 -52.02
N LYS A 217 -14.02 -3.03 -51.44
CA LYS A 217 -14.74 -1.84 -51.86
C LYS A 217 -13.78 -0.80 -52.46
N ARG A 218 -14.01 -0.41 -53.72
CA ARG A 218 -13.19 0.61 -54.37
C ARG A 218 -13.58 1.95 -53.76
N VAL A 219 -12.57 2.73 -53.37
CA VAL A 219 -12.77 4.06 -52.81
C VAL A 219 -12.29 5.06 -53.86
N GLU A 220 -13.19 5.91 -54.33
CA GLU A 220 -12.89 6.70 -55.51
C GLU A 220 -13.11 8.18 -55.22
N PRO A 221 -12.29 9.08 -55.83
CA PRO A 221 -12.37 10.52 -55.58
C PRO A 221 -13.76 11.09 -55.81
N LYS A 222 -14.14 12.10 -55.01
CA LYS A 222 -15.47 12.70 -55.15
C LYS A 222 -15.42 14.19 -54.79
N SER A 223 -15.19 15.06 -55.80
CA SER A 223 -14.86 16.46 -55.55
C SER A 223 -16.07 17.21 -54.97
N CYS A 224 -15.92 17.61 -53.69
CA CYS A 224 -16.93 18.33 -52.94
C CYS A 224 -16.63 19.83 -52.94
N ASP A 225 -17.64 20.64 -52.58
CA ASP A 225 -17.49 22.09 -52.43
C ASP A 225 -18.32 22.56 -51.22
N GLN B 1 2.56 5.73 46.83
CA GLN B 1 2.28 5.64 45.37
C GLN B 1 3.51 6.04 44.55
N VAL B 2 3.60 5.50 43.33
CA VAL B 2 4.66 5.87 42.40
C VAL B 2 4.35 7.24 41.81
N GLN B 3 5.35 8.13 41.84
CA GLN B 3 5.23 9.45 41.25
C GLN B 3 6.53 9.87 40.56
N LEU B 4 6.33 10.58 39.44
CA LEU B 4 7.38 11.24 38.69
C LEU B 4 6.95 12.69 38.42
N LEU B 5 7.49 13.63 39.21
CA LEU B 5 7.04 15.01 39.09
C LEU B 5 8.06 15.79 38.27
N GLY B 6 7.61 16.26 37.10
CA GLY B 6 8.49 16.91 36.14
C GLY B 6 8.55 18.41 36.37
N SER B 7 9.60 19.04 35.84
CA SER B 7 9.75 20.48 35.90
C SER B 7 10.90 20.91 35.00
N GLY B 8 11.17 22.21 34.97
CA GLY B 8 12.33 22.73 34.27
C GLY B 8 12.00 23.07 32.81
N GLY B 9 10.69 23.08 32.48
CA GLY B 9 10.25 23.41 31.13
C GLY B 9 10.12 24.91 30.91
N GLY B 10 9.45 25.30 29.81
CA GLY B 10 9.10 26.69 29.59
C GLY B 10 9.54 27.21 28.22
N LEU B 11 9.73 28.53 28.17
CA LEU B 11 9.98 29.26 26.95
C LEU B 11 11.46 29.64 26.92
N VAL B 12 12.07 29.48 25.73
CA VAL B 12 13.49 29.72 25.54
C VAL B 12 13.72 30.22 24.12
N GLN B 13 14.76 31.04 23.98
CA GLN B 13 15.19 31.56 22.69
C GLN B 13 15.77 30.41 21.89
N PRO B 14 15.66 30.44 20.54
CA PRO B 14 16.39 29.49 19.71
C PRO B 14 17.86 29.62 20.03
N GLY B 15 18.51 28.47 20.19
CA GLY B 15 19.91 28.41 20.56
C GLY B 15 20.07 28.28 22.07
N GLY B 16 18.99 28.57 22.83
CA GLY B 16 19.03 28.54 24.28
C GLY B 16 19.04 27.14 24.86
N SER B 17 19.06 27.06 26.20
CA SER B 17 19.16 25.81 26.92
C SER B 17 18.05 25.68 27.95
N LEU B 18 17.71 24.44 28.28
CA LEU B 18 16.77 24.13 29.35
C LEU B 18 17.30 22.90 30.08
N ARG B 19 16.85 22.70 31.32
CA ARG B 19 17.18 21.48 32.04
C ARG B 19 15.89 20.91 32.60
N LEU B 20 15.37 19.87 31.94
CA LEU B 20 14.19 19.18 32.42
C LEU B 20 14.58 18.33 33.61
N SER B 21 13.63 18.20 34.51
CA SER B 21 13.84 17.55 35.79
C SER B 21 12.66 16.64 36.07
N CYS B 22 12.93 15.49 36.63
CA CYS B 22 11.86 14.60 36.99
C CYS B 22 12.15 13.93 38.33
N ALA B 23 11.37 14.30 39.36
CA ALA B 23 11.59 13.87 40.73
C ALA B 23 10.77 12.63 41.02
N ALA B 24 11.46 11.55 41.43
CA ALA B 24 10.85 10.24 41.55
C ALA B 24 10.56 9.93 43.02
N SER B 25 9.43 9.28 43.27
CA SER B 25 9.18 8.74 44.61
C SER B 25 8.23 7.56 44.52
N GLY B 26 8.29 6.68 45.52
CA GLY B 26 7.39 5.55 45.65
C GLY B 26 7.93 4.27 45.00
N PHE B 27 9.22 4.26 44.65
CA PHE B 27 9.88 3.05 44.17
C PHE B 27 11.38 3.25 44.30
N THR B 28 12.15 2.16 44.25
CA THR B 28 13.58 2.26 44.44
C THR B 28 14.25 2.71 43.14
N PHE B 29 14.30 4.03 42.96
CA PHE B 29 14.65 4.67 41.69
C PHE B 29 15.93 4.08 41.10
N ARG B 30 16.92 3.83 41.96
CA ARG B 30 18.23 3.44 41.47
C ARG B 30 18.19 2.08 40.78
N ASN B 31 17.07 1.36 40.90
CA ASN B 31 16.98 0.05 40.26
C ASN B 31 16.19 0.11 38.95
N TYR B 32 15.89 1.32 38.44
CA TYR B 32 15.12 1.40 37.21
C TYR B 32 15.84 2.28 36.18
N ALA B 33 16.13 1.65 35.03
CA ALA B 33 16.42 2.38 33.82
C ALA B 33 15.22 3.28 33.49
N MET B 34 15.54 4.46 32.94
CA MET B 34 14.57 5.50 32.67
C MET B 34 14.75 6.02 31.25
N ILE B 35 13.67 6.60 30.71
CA ILE B 35 13.76 7.18 29.37
C ILE B 35 13.18 8.60 29.37
N TRP B 36 13.56 9.38 28.34
CA TRP B 36 12.83 10.59 28.01
C TRP B 36 12.14 10.39 26.67
N VAL B 37 10.87 10.80 26.59
CA VAL B 37 10.09 10.77 25.36
C VAL B 37 9.60 12.17 25.08
N ARG B 38 9.60 12.59 23.81
CA ARG B 38 9.05 13.88 23.41
C ARG B 38 7.84 13.66 22.52
N GLN B 39 6.95 14.68 22.48
CA GLN B 39 5.80 14.67 21.60
C GLN B 39 5.56 16.08 21.06
N ALA B 40 5.97 16.31 19.81
CA ALA B 40 5.75 17.59 19.14
C ALA B 40 4.26 17.83 18.96
N PRO B 41 3.82 19.12 18.90
CA PRO B 41 2.40 19.45 18.76
C PRO B 41 1.73 18.72 17.61
N GLY B 42 0.65 17.98 17.95
CA GLY B 42 -0.13 17.20 16.99
C GLY B 42 0.66 16.08 16.36
N LYS B 43 1.75 15.62 16.99
CA LYS B 43 2.52 14.50 16.48
C LYS B 43 2.47 13.34 17.47
N GLY B 44 3.14 12.24 17.14
CA GLY B 44 3.16 11.06 17.99
C GLY B 44 4.32 11.11 18.99
N LEU B 45 4.68 9.93 19.52
CA LEU B 45 5.67 9.82 20.58
C LEU B 45 7.04 9.54 19.93
N ASP B 46 8.08 10.24 20.42
CA ASP B 46 9.43 10.02 19.94
C ASP B 46 10.35 9.80 21.15
N TRP B 47 11.04 8.66 21.17
CA TRP B 47 12.09 8.41 22.15
C TRP B 47 13.26 9.38 21.97
N VAL B 48 13.75 9.96 23.10
CA VAL B 48 14.82 10.96 23.09
C VAL B 48 16.10 10.36 23.65
N SER B 49 16.02 9.76 24.86
CA SER B 49 17.19 9.16 25.46
C SER B 49 16.82 8.10 26.49
N THR B 50 17.82 7.23 26.75
CA THR B 50 17.76 6.17 27.73
C THR B 50 18.91 6.31 28.70
N ILE B 51 18.67 6.00 29.99
CA ILE B 51 19.75 5.95 30.97
C ILE B 51 19.60 4.72 31.87
N SER B 52 20.73 4.07 32.16
CA SER B 52 20.71 2.90 33.02
C SER B 52 20.41 3.29 34.48
N GLY B 53 20.00 2.27 35.28
CA GLY B 53 19.70 2.43 36.68
C GLY B 53 20.76 3.23 37.42
N THR B 54 22.03 2.79 37.38
CA THR B 54 23.11 3.48 38.08
C THR B 54 23.46 4.80 37.37
N GLY B 55 23.04 4.97 36.12
CA GLY B 55 23.38 6.17 35.38
C GLY B 55 24.72 6.05 34.64
N ASP B 56 25.30 4.84 34.59
CA ASP B 56 26.61 4.64 33.99
C ASP B 56 26.53 4.37 32.48
N SER B 57 25.32 4.38 31.92
CA SER B 57 25.13 4.13 30.50
C SER B 57 23.93 4.94 30.00
N SER B 58 24.08 5.50 28.80
CA SER B 58 23.05 6.31 28.22
C SER B 58 23.07 6.20 26.70
N ASP B 59 21.88 6.32 26.09
CA ASP B 59 21.74 6.38 24.64
C ASP B 59 20.81 7.53 24.27
N TYR B 60 20.97 8.02 23.02
CA TYR B 60 20.28 9.19 22.52
C TYR B 60 19.77 8.96 21.10
N ALA B 61 18.61 9.54 20.78
CA ALA B 61 18.19 9.67 19.40
C ALA B 61 19.21 10.55 18.66
N ASP B 62 19.44 10.26 17.37
CA ASP B 62 20.55 10.85 16.63
CA ASP B 62 20.54 10.86 16.61
C ASP B 62 20.36 12.36 16.55
N SER B 63 19.10 12.83 16.57
CA SER B 63 18.79 14.24 16.40
C SER B 63 19.17 15.10 17.63
N VAL B 64 19.46 14.50 18.79
CA VAL B 64 19.73 15.26 20.01
C VAL B 64 21.13 14.95 20.53
N ARG B 65 21.82 14.01 19.84
CA ARG B 65 23.12 13.52 20.24
C ARG B 65 24.09 14.70 20.35
N GLY B 66 24.81 14.75 21.48
CA GLY B 66 25.82 15.78 21.67
C GLY B 66 25.24 17.02 22.33
N ARG B 67 23.98 17.38 22.00
CA ARG B 67 23.40 18.63 22.49
C ARG B 67 22.42 18.41 23.63
N PHE B 68 21.97 17.16 23.80
CA PHE B 68 21.20 16.78 24.98
C PHE B 68 22.07 15.87 25.82
N THR B 69 22.01 16.02 27.16
CA THR B 69 22.64 15.06 28.06
C THR B 69 21.64 14.57 29.09
N VAL B 70 21.53 13.23 29.22
CA VAL B 70 20.72 12.62 30.25
C VAL B 70 21.62 12.29 31.43
N SER B 71 21.06 12.39 32.64
CA SER B 71 21.80 12.20 33.88
C SER B 71 20.82 11.91 34.99
N ARG B 72 21.32 11.42 36.11
CA ARG B 72 20.46 11.09 37.23
C ARG B 72 21.23 11.19 38.54
N ASP B 73 20.47 11.47 39.60
CA ASP B 73 20.98 11.56 40.95
C ASP B 73 20.20 10.58 41.80
N ASN B 74 20.87 9.49 42.20
CA ASN B 74 20.19 8.36 42.79
C ASN B 74 20.03 8.56 44.29
N SER B 75 20.83 9.44 44.90
CA SER B 75 20.57 9.79 46.29
C SER B 75 19.33 10.69 46.38
N LYS B 76 19.18 11.63 45.44
CA LYS B 76 18.08 12.59 45.51
C LYS B 76 16.85 12.08 44.73
N ASN B 77 17.01 10.96 44.02
CA ASN B 77 15.94 10.36 43.22
C ASN B 77 15.47 11.34 42.18
N THR B 78 16.43 11.90 41.41
CA THR B 78 16.08 12.86 40.37
C THR B 78 16.63 12.37 39.03
N LEU B 79 15.79 12.48 37.99
CA LEU B 79 16.20 12.28 36.60
C LEU B 79 16.35 13.64 35.92
N TYR B 80 17.42 13.82 35.15
CA TYR B 80 17.64 15.10 34.48
C TYR B 80 17.69 14.90 32.97
N LEU B 81 17.28 15.95 32.23
CA LEU B 81 17.62 16.08 30.81
C LEU B 81 18.12 17.50 30.56
N GLU B 82 19.43 17.65 30.34
CA GLU B 82 19.98 18.92 29.94
C GLU B 82 19.84 19.05 28.42
N MET B 83 19.25 20.15 27.97
CA MET B 83 18.99 20.40 26.56
C MET B 83 19.66 21.72 26.14
N ASN B 84 20.57 21.63 25.17
CA ASN B 84 21.23 22.81 24.61
C ASN B 84 20.89 22.96 23.13
N SER B 85 21.24 24.13 22.56
CA SER B 85 21.14 24.39 21.13
C SER B 85 19.74 24.05 20.62
N LEU B 86 18.74 24.63 21.29
CA LEU B 86 17.36 24.28 21.01
C LEU B 86 16.86 24.96 19.73
N ARG B 87 15.98 24.26 19.01
CA ARG B 87 15.43 24.66 17.72
C ARG B 87 13.91 24.70 17.83
N ALA B 88 13.24 25.37 16.89
CA ALA B 88 11.78 25.35 16.87
C ALA B 88 11.26 23.91 16.95
N GLU B 89 11.92 23.00 16.20
CA GLU B 89 11.52 21.62 16.06
C GLU B 89 11.57 20.90 17.41
N ASP B 90 12.26 21.48 18.41
CA ASP B 90 12.31 20.87 19.73
C ASP B 90 11.06 21.17 20.55
N THR B 91 10.28 22.21 20.15
CA THR B 91 9.04 22.60 20.82
C THR B 91 8.15 21.38 20.92
N ALA B 92 7.72 21.05 22.16
CA ALA B 92 7.15 19.72 22.42
C ALA B 92 6.82 19.56 23.89
N VAL B 93 6.11 18.46 24.19
CA VAL B 93 5.93 18.02 25.55
C VAL B 93 6.87 16.85 25.82
N PHE B 94 7.55 16.87 26.98
CA PHE B 94 8.50 15.83 27.34
C PHE B 94 8.00 15.01 28.54
N TYR B 95 8.05 13.68 28.40
CA TYR B 95 7.68 12.76 29.46
C TYR B 95 8.93 11.99 29.89
N CYS B 96 9.11 11.87 31.20
CA CYS B 96 10.02 10.88 31.74
C CYS B 96 9.23 9.61 31.95
N ALA B 97 9.88 8.46 31.85
CA ALA B 97 9.19 7.19 32.02
C ALA B 97 10.13 6.14 32.58
N LYS B 98 9.57 5.31 33.51
CA LYS B 98 10.37 4.26 34.14
C LYS B 98 10.05 2.90 33.50
N ASP B 99 11.09 2.08 33.31
CA ASP B 99 10.89 0.73 32.85
C ASP B 99 10.03 -0.02 33.87
N SER B 100 9.24 -0.94 33.37
CA SER B 100 8.35 -1.75 34.17
C SER B 100 9.15 -2.55 35.21
N ARG B 101 10.31 -3.07 34.80
CA ARG B 101 11.02 -4.07 35.56
C ARG B 101 12.37 -3.54 36.03
N GLY B 102 13.05 -2.76 35.19
CA GLY B 102 14.07 -1.86 35.71
C GLY B 102 15.48 -2.12 35.16
N ALA B 103 15.83 -3.38 34.93
CA ALA B 103 17.20 -3.75 34.61
C ALA B 103 17.64 -3.21 33.25
N ALA B 104 16.68 -3.02 32.32
CA ALA B 104 16.95 -2.35 31.06
C ALA B 104 15.78 -1.45 30.69
N ALA B 105 15.97 -0.68 29.63
CA ALA B 105 14.92 0.19 29.11
C ALA B 105 14.20 -0.51 27.96
N GLU B 106 12.94 -0.88 28.21
CA GLU B 106 12.19 -1.74 27.30
C GLU B 106 10.75 -1.25 27.16
N PHE B 107 9.94 -1.39 28.23
CA PHE B 107 8.57 -0.91 28.22
C PHE B 107 8.23 -0.31 29.59
N PHE B 108 7.33 0.67 29.60
CA PHE B 108 7.28 1.70 30.64
C PHE B 108 5.90 1.77 31.28
N ASP B 109 5.83 1.36 32.56
CA ASP B 109 4.57 1.25 33.28
C ASP B 109 4.20 2.61 33.91
N TYR B 110 5.18 3.48 34.21
CA TYR B 110 4.86 4.77 34.80
C TYR B 110 5.54 5.88 34.02
N TRP B 111 4.74 6.91 33.71
CA TRP B 111 5.15 8.06 32.94
C TRP B 111 4.83 9.34 33.72
N GLY B 112 5.78 10.26 33.78
CA GLY B 112 5.48 11.57 34.33
C GLY B 112 4.52 12.34 33.43
N GLN B 113 3.82 13.32 33.98
CA GLN B 113 3.04 14.24 33.18
C GLN B 113 3.98 15.14 32.40
N GLY B 114 3.53 15.53 31.22
CA GLY B 114 4.39 16.17 30.24
C GLY B 114 4.91 17.51 30.72
N ILE B 115 6.16 17.81 30.35
CA ILE B 115 6.79 19.09 30.56
C ILE B 115 6.79 19.85 29.24
N PHE B 116 6.20 21.07 29.24
CA PHE B 116 6.06 21.87 28.04
C PHE B 116 7.38 22.59 27.74
N VAL B 117 7.85 22.42 26.50
CA VAL B 117 9.02 23.14 26.03
C VAL B 117 8.61 23.91 24.80
N THR B 118 8.76 25.23 24.86
CA THR B 118 8.54 26.07 23.70
C THR B 118 9.85 26.78 23.38
N VAL B 119 10.27 26.67 22.12
CA VAL B 119 11.45 27.33 21.61
C VAL B 119 10.98 28.41 20.63
N SER B 120 11.15 29.67 21.02
CA SER B 120 10.65 30.77 20.23
C SER B 120 11.36 32.06 20.63
N SER B 121 11.51 32.98 19.67
CA SER B 121 12.13 34.24 19.97
C SER B 121 11.11 35.24 20.51
N ALA B 122 9.83 34.85 20.60
CA ALA B 122 8.78 35.71 21.12
C ALA B 122 8.89 35.83 22.64
N SER B 123 8.38 36.96 23.16
CA SER B 123 8.32 37.22 24.59
C SER B 123 7.21 36.41 25.26
N THR B 124 7.39 36.14 26.55
CA THR B 124 6.33 35.63 27.42
C THR B 124 5.26 36.71 27.56
N LYS B 125 3.98 36.30 27.57
CA LYS B 125 2.90 37.18 27.98
C LYS B 125 1.94 36.42 28.87
N GLY B 126 1.64 36.99 30.04
CA GLY B 126 0.67 36.43 30.95
C GLY B 126 -0.75 36.74 30.47
N PRO B 127 -1.73 35.89 30.82
CA PRO B 127 -3.09 36.06 30.37
C PRO B 127 -3.86 37.10 31.17
N SER B 128 -4.75 37.82 30.50
CA SER B 128 -5.86 38.44 31.17
C SER B 128 -6.86 37.34 31.50
N VAL B 129 -7.51 37.48 32.65
CA VAL B 129 -8.58 36.57 33.01
C VAL B 129 -9.85 37.38 33.21
N PHE B 130 -10.80 37.17 32.30
CA PHE B 130 -12.10 37.83 32.35
C PHE B 130 -13.17 36.82 32.70
N PRO B 131 -14.24 37.25 33.42
CA PRO B 131 -15.34 36.35 33.73
C PRO B 131 -16.30 36.25 32.55
N LEU B 132 -16.75 35.03 32.29
CA LEU B 132 -17.96 34.76 31.55
C LEU B 132 -19.11 34.62 32.54
N ALA B 133 -19.80 35.76 32.77
CA ALA B 133 -20.73 35.92 33.88
C ALA B 133 -22.05 35.24 33.56
N PRO B 134 -22.65 34.47 34.51
CA PRO B 134 -23.97 33.89 34.31
C PRO B 134 -25.04 34.97 34.29
N SER B 135 -25.85 34.92 33.23
CA SER B 135 -27.07 35.70 33.10
C SER B 135 -28.17 34.74 32.74
N SER B 136 -29.35 35.26 32.40
CA SER B 136 -30.43 34.39 31.93
C SER B 136 -30.17 34.02 30.47
N LYS B 137 -29.34 34.82 29.81
CA LYS B 137 -28.88 34.50 28.46
C LYS B 137 -27.91 33.30 28.47
N SER B 138 -27.47 32.86 29.66
CA SER B 138 -26.69 31.63 29.77
C SER B 138 -27.32 30.71 30.81
N THR B 139 -28.65 30.91 31.01
CA THR B 139 -29.48 30.00 31.77
C THR B 139 -30.42 29.31 30.80
N SER B 140 -30.41 27.97 30.86
CA SER B 140 -31.28 27.12 30.10
C SER B 140 -32.07 26.22 31.07
N GLY B 141 -33.21 26.73 31.54
CA GLY B 141 -34.04 26.01 32.49
C GLY B 141 -33.40 25.99 33.87
N GLY B 142 -33.04 24.78 34.33
CA GLY B 142 -32.44 24.59 35.65
C GLY B 142 -30.91 24.73 35.62
N THR B 143 -30.34 24.96 34.43
CA THR B 143 -28.90 24.90 34.22
C THR B 143 -28.39 26.29 33.88
N ALA B 144 -27.32 26.70 34.55
CA ALA B 144 -26.64 27.94 34.20
C ALA B 144 -25.20 27.62 33.79
N ALA B 145 -24.73 28.30 32.74
CA ALA B 145 -23.35 28.23 32.34
C ALA B 145 -22.66 29.52 32.75
N LEU B 146 -21.43 29.38 33.24
CA LEU B 146 -20.54 30.48 33.56
C LEU B 146 -19.11 30.04 33.26
N GLY B 147 -18.16 30.99 33.26
CA GLY B 147 -16.81 30.59 32.91
C GLY B 147 -15.77 31.70 33.09
N CYS B 148 -14.56 31.41 32.58
CA CYS B 148 -13.47 32.38 32.51
C CYS B 148 -12.87 32.34 31.11
N LEU B 149 -12.75 33.53 30.51
CA LEU B 149 -11.94 33.75 29.34
C LEU B 149 -10.51 34.09 29.77
N VAL B 150 -9.57 33.28 29.31
CA VAL B 150 -8.15 33.39 29.60
C VAL B 150 -7.46 33.83 28.31
N LYS B 151 -7.24 35.15 28.20
CA LYS B 151 -6.99 35.77 26.91
C LYS B 151 -5.60 36.41 26.87
N ASP B 152 -4.92 36.22 25.73
CA ASP B 152 -3.78 37.03 25.30
C ASP B 152 -2.52 36.62 26.07
N TYR B 153 -2.16 35.34 25.95
CA TYR B 153 -1.01 34.81 26.67
C TYR B 153 -0.12 34.06 25.70
N PHE B 154 1.12 33.82 26.16
CA PHE B 154 2.11 33.11 25.37
C PHE B 154 3.24 32.72 26.31
N PRO B 155 3.79 31.49 26.21
CA PRO B 155 3.29 30.46 25.31
C PRO B 155 2.27 29.54 26.00
N GLU B 156 1.98 28.40 25.38
CA GLU B 156 1.20 27.37 26.05
C GLU B 156 2.04 26.82 27.22
N PRO B 157 1.45 26.18 28.25
CA PRO B 157 0.01 26.13 28.49
C PRO B 157 -0.46 26.93 29.71
N VAL B 158 -1.77 27.19 29.77
CA VAL B 158 -2.40 27.60 31.02
C VAL B 158 -3.14 26.40 31.58
N THR B 159 -3.22 26.34 32.90
CA THR B 159 -4.09 25.38 33.57
C THR B 159 -5.19 26.14 34.31
N VAL B 160 -6.42 25.65 34.17
CA VAL B 160 -7.56 26.22 34.87
C VAL B 160 -8.17 25.15 35.78
N SER B 161 -8.47 25.53 37.00
CA SER B 161 -9.27 24.70 37.86
C SER B 161 -10.39 25.57 38.44
N TRP B 162 -11.44 24.91 38.95
CA TRP B 162 -12.56 25.63 39.55
C TRP B 162 -12.65 25.34 41.05
N ASN B 163 -12.96 26.38 41.84
CA ASN B 163 -12.99 26.33 43.29
C ASN B 163 -11.87 25.43 43.79
N SER B 164 -10.65 25.75 43.36
CA SER B 164 -9.42 25.12 43.85
C SER B 164 -9.44 23.60 43.68
N GLY B 165 -10.18 23.08 42.70
CA GLY B 165 -10.22 21.65 42.44
C GLY B 165 -11.48 21.00 43.00
N ALA B 166 -12.25 21.74 43.79
CA ALA B 166 -13.50 21.22 44.35
C ALA B 166 -14.49 20.88 43.24
N LEU B 167 -14.58 21.75 42.23
CA LEU B 167 -15.58 21.63 41.17
C LEU B 167 -14.91 21.11 39.90
N THR B 168 -15.24 19.87 39.53
CA THR B 168 -14.74 19.25 38.31
C THR B 168 -15.90 18.79 37.45
N SER B 169 -17.06 18.58 38.08
CA SER B 169 -18.20 18.02 37.39
C SER B 169 -18.83 19.08 36.48
N GLY B 170 -18.83 18.83 35.16
CA GLY B 170 -19.47 19.72 34.22
C GLY B 170 -18.50 20.73 33.59
N VAL B 171 -17.23 20.69 34.00
CA VAL B 171 -16.24 21.66 33.54
C VAL B 171 -15.77 21.28 32.14
N HIS B 172 -15.78 22.24 31.23
CA HIS B 172 -15.12 22.08 29.94
C HIS B 172 -14.11 23.18 29.78
N THR B 173 -12.82 22.80 29.70
CA THR B 173 -11.77 23.74 29.38
C THR B 173 -11.36 23.49 27.94
N PHE B 174 -11.66 24.47 27.07
CA PHE B 174 -11.49 24.30 25.63
C PHE B 174 -10.00 24.38 25.32
N PRO B 175 -9.55 23.73 24.23
CA PRO B 175 -8.21 23.97 23.71
C PRO B 175 -8.00 25.41 23.24
N ALA B 176 -6.75 25.86 23.37
CA ALA B 176 -6.40 27.25 23.11
C ALA B 176 -6.43 27.51 21.60
N VAL B 177 -6.88 28.70 21.21
CA VAL B 177 -6.80 29.08 19.81
C VAL B 177 -5.73 30.14 19.70
N LEU B 178 -4.91 30.03 18.65
CA LEU B 178 -3.89 31.02 18.37
C LEU B 178 -4.52 32.20 17.66
N GLN B 179 -4.65 33.33 18.35
CA GLN B 179 -5.25 34.52 17.75
C GLN B 179 -4.32 35.08 16.69
N SER B 180 -4.84 36.02 15.88
CA SER B 180 -4.06 36.63 14.81
C SER B 180 -2.95 37.49 15.43
N SER B 181 -3.22 38.06 16.61
CA SER B 181 -2.24 38.79 17.40
C SER B 181 -0.96 37.97 17.65
N GLY B 182 -1.03 36.64 17.54
CA GLY B 182 0.12 35.79 17.85
C GLY B 182 0.05 35.25 19.29
N LEU B 183 -0.98 35.69 20.04
CA LEU B 183 -1.20 35.24 21.41
C LEU B 183 -2.34 34.22 21.45
N TYR B 184 -2.33 33.38 22.49
CA TYR B 184 -3.37 32.39 22.66
C TYR B 184 -4.52 32.92 23.50
N SER B 185 -5.64 32.22 23.39
CA SER B 185 -6.85 32.51 24.12
C SER B 185 -7.59 31.20 24.31
N LEU B 186 -8.21 31.04 25.49
CA LEU B 186 -9.13 29.93 25.69
C LEU B 186 -10.18 30.36 26.69
N SER B 187 -11.27 29.59 26.73
CA SER B 187 -12.28 29.73 27.77
C SER B 187 -12.34 28.43 28.58
N SER B 188 -12.65 28.56 29.87
CA SER B 188 -13.07 27.43 30.67
C SER B 188 -14.50 27.71 31.12
N VAL B 189 -15.39 26.72 30.99
CA VAL B 189 -16.79 26.94 31.30
C VAL B 189 -17.27 25.79 32.20
N VAL B 190 -18.33 26.06 32.96
CA VAL B 190 -18.97 25.01 33.74
C VAL B 190 -20.47 25.27 33.82
N THR B 191 -21.25 24.18 33.84
CA THR B 191 -22.68 24.27 34.03
C THR B 191 -23.02 23.84 35.45
N VAL B 192 -23.94 24.59 36.05
CA VAL B 192 -24.22 24.48 37.47
C VAL B 192 -25.71 24.70 37.63
N PRO B 193 -26.31 24.26 38.75
CA PRO B 193 -27.70 24.59 39.06
C PRO B 193 -27.92 26.10 39.03
N SER B 194 -28.91 26.56 38.25
CA SER B 194 -29.21 27.99 38.19
C SER B 194 -29.75 28.50 39.54
N SER B 195 -30.09 27.59 40.47
CA SER B 195 -30.46 27.98 41.82
C SER B 195 -29.23 28.17 42.71
N SER B 196 -28.05 27.75 42.24
CA SER B 196 -26.84 27.92 43.03
C SER B 196 -26.23 29.31 42.81
N LEU B 197 -26.54 29.97 41.68
CA LEU B 197 -25.95 31.25 41.35
C LEU B 197 -26.00 32.20 42.54
N GLY B 198 -27.16 32.27 43.21
CA GLY B 198 -27.31 33.13 44.37
C GLY B 198 -26.37 32.74 45.51
N THR B 199 -26.28 31.43 45.82
CA THR B 199 -25.85 30.96 47.12
C THR B 199 -24.38 30.52 47.11
N GLN B 200 -23.92 29.97 45.97
CA GLN B 200 -22.60 29.36 45.86
C GLN B 200 -21.60 30.29 45.14
N THR B 201 -20.34 30.27 45.59
CA THR B 201 -19.25 31.05 45.00
C THR B 201 -18.51 30.24 43.93
N TYR B 202 -18.29 30.86 42.75
CA TYR B 202 -17.56 30.21 41.67
C TYR B 202 -16.29 31.01 41.34
N ILE B 203 -15.14 30.35 41.52
CA ILE B 203 -13.84 30.99 41.34
C ILE B 203 -12.99 30.10 40.45
N CYS B 204 -12.53 30.66 39.33
CA CYS B 204 -11.56 29.99 38.47
C CYS B 204 -10.13 30.38 38.85
N ASN B 205 -9.29 29.35 38.94
CA ASN B 205 -7.89 29.48 39.34
C ASN B 205 -7.03 29.24 38.12
N VAL B 206 -6.47 30.32 37.54
CA VAL B 206 -5.72 30.23 36.31
C VAL B 206 -4.22 30.30 36.63
N ASN B 207 -3.46 29.33 36.09
CA ASN B 207 -2.00 29.32 36.23
C ASN B 207 -1.33 29.35 34.88
N HIS B 208 -0.49 30.37 34.68
CA HIS B 208 0.42 30.42 33.56
C HIS B 208 1.84 30.47 34.14
N LYS B 209 2.52 29.32 34.10
CA LYS B 209 3.80 29.16 34.75
C LYS B 209 4.89 30.00 34.05
N PRO B 210 5.03 29.96 32.71
CA PRO B 210 6.04 30.78 32.02
C PRO B 210 6.03 32.27 32.37
N SER B 211 4.87 32.82 32.79
CA SER B 211 4.73 34.23 33.13
C SER B 211 4.59 34.42 34.63
N ASN B 212 4.67 33.33 35.40
CA ASN B 212 4.46 33.37 36.84
C ASN B 212 3.10 33.97 37.17
N THR B 213 2.08 33.73 36.31
CA THR B 213 0.73 34.21 36.58
C THR B 213 -0.03 33.14 37.34
N LYS B 214 -0.64 33.57 38.47
CA LYS B 214 -1.50 32.75 39.30
C LYS B 214 -2.70 33.60 39.69
N VAL B 215 -3.78 33.55 38.90
CA VAL B 215 -4.95 34.36 39.16
C VAL B 215 -6.03 33.48 39.79
N ASP B 216 -6.83 34.07 40.66
CA ASP B 216 -8.02 33.44 41.21
C ASP B 216 -9.16 34.44 41.02
N LYS B 217 -10.08 34.17 40.09
CA LYS B 217 -11.03 35.19 39.69
C LYS B 217 -12.47 34.76 40.04
N ARG B 218 -13.15 35.57 40.85
CA ARG B 218 -14.53 35.30 41.23
C ARG B 218 -15.40 35.61 40.02
N VAL B 219 -16.31 34.67 39.69
CA VAL B 219 -17.24 34.84 38.59
C VAL B 219 -18.62 35.02 39.18
N GLU B 220 -19.23 36.19 38.92
CA GLU B 220 -20.40 36.58 39.69
C GLU B 220 -21.55 36.89 38.74
N PRO B 221 -22.80 36.54 39.13
CA PRO B 221 -23.97 36.71 38.26
C PRO B 221 -24.15 38.13 37.75
N LYS B 222 -24.64 38.29 36.53
CA LYS B 222 -24.78 39.62 35.94
C LYS B 222 -25.99 39.68 35.02
N SER B 223 -27.16 40.06 35.58
CA SER B 223 -28.45 39.91 34.91
C SER B 223 -28.55 40.80 33.67
N CYS B 224 -28.55 40.16 32.48
CA CYS B 224 -28.59 40.83 31.19
C CYS B 224 -30.01 40.82 30.64
N ASP B 225 -30.26 41.69 29.63
CA ASP B 225 -31.49 41.70 28.86
C ASP B 225 -31.15 41.96 27.38
N ALA C 1 -3.81 -20.25 -6.68
CA ALA C 1 -3.13 -19.19 -7.48
C ALA C 1 -2.08 -18.45 -6.62
N ILE C 2 -0.87 -18.32 -7.20
CA ILE C 2 0.11 -17.36 -6.73
C ILE C 2 -0.24 -16.04 -7.38
N ARG C 3 -0.53 -15.03 -6.57
CA ARG C 3 -0.93 -13.73 -7.06
C ARG C 3 0.32 -12.89 -7.39
N MET C 4 0.37 -12.37 -8.62
CA MET C 4 1.39 -11.43 -9.05
C MET C 4 0.81 -10.01 -9.08
N THR C 5 1.32 -9.13 -8.22
CA THR C 5 0.89 -7.74 -8.14
C THR C 5 1.89 -6.87 -8.89
N GLN C 6 1.45 -6.31 -10.03
CA GLN C 6 2.32 -5.44 -10.82
C GLN C 6 2.08 -3.97 -10.47
N SER C 7 3.17 -3.17 -10.48
CA SER C 7 3.05 -1.74 -10.30
C SER C 7 4.14 -1.00 -11.10
N PRO C 8 3.86 0.22 -11.62
CA PRO C 8 2.53 0.82 -11.57
C PRO C 8 1.68 0.18 -12.67
N SER C 9 0.40 0.55 -12.75
CA SER C 9 -0.46 0.04 -13.81
C SER C 9 -0.20 0.79 -15.12
N SER C 10 0.33 2.02 -15.04
CA SER C 10 0.75 2.72 -16.25
C SER C 10 1.74 3.83 -15.92
N PHE C 11 2.53 4.24 -16.91
CA PHE C 11 3.28 5.48 -16.78
C PHE C 11 3.62 6.04 -18.17
N SER C 12 3.94 7.35 -18.16
CA SER C 12 4.43 8.08 -19.32
C SER C 12 5.90 8.37 -19.10
N ALA C 13 6.72 8.16 -20.13
CA ALA C 13 8.12 8.53 -20.06
C ALA C 13 8.54 9.14 -21.38
N SER C 14 9.65 9.89 -21.36
CA SER C 14 10.25 10.40 -22.59
C SER C 14 11.16 9.32 -23.19
N ILE C 15 11.47 9.43 -24.48
CA ILE C 15 12.47 8.56 -25.09
C ILE C 15 13.79 8.78 -24.38
N GLY C 16 14.49 7.69 -24.11
CA GLY C 16 15.79 7.70 -23.49
C GLY C 16 15.70 7.52 -21.97
N ASP C 17 14.49 7.70 -21.41
CA ASP C 17 14.28 7.49 -19.99
C ASP C 17 14.57 6.03 -19.62
N ARG C 18 14.98 5.84 -18.37
CA ARG C 18 15.11 4.54 -17.74
C ARG C 18 13.84 4.27 -16.95
N VAL C 19 13.23 3.10 -17.14
CA VAL C 19 11.91 2.87 -16.58
C VAL C 19 11.87 1.48 -15.95
N THR C 20 11.17 1.40 -14.81
CA THR C 20 11.22 0.23 -13.97
C THR C 20 9.81 -0.21 -13.61
N ILE C 21 9.49 -1.45 -13.96
CA ILE C 21 8.20 -2.07 -13.66
C ILE C 21 8.41 -3.12 -12.57
N THR C 22 7.54 -3.10 -11.57
CA THR C 22 7.69 -3.96 -10.41
C THR C 22 6.61 -5.04 -10.41
N CYS C 23 7.01 -6.22 -9.96
CA CYS C 23 6.12 -7.37 -9.87
C CYS C 23 6.39 -8.09 -8.56
N ARG C 24 5.36 -8.19 -7.72
CA ARG C 24 5.50 -8.79 -6.39
C ARG C 24 4.66 -10.06 -6.32
N ALA C 25 5.23 -11.16 -5.83
CA ALA C 25 4.53 -12.44 -5.79
C ALA C 25 3.99 -12.67 -4.38
N SER C 26 2.80 -13.26 -4.29
CA SER C 26 2.16 -13.53 -3.00
C SER C 26 2.94 -14.55 -2.19
N GLN C 27 3.88 -15.26 -2.82
CA GLN C 27 4.82 -16.11 -2.11
C GLN C 27 6.08 -16.25 -2.95
N GLY C 28 7.12 -16.83 -2.36
CA GLY C 28 8.36 -17.08 -3.07
C GLY C 28 8.09 -17.86 -4.34
N ILE C 29 8.78 -17.48 -5.43
CA ILE C 29 8.71 -18.24 -6.68
C ILE C 29 10.12 -18.47 -7.23
N SER C 30 11.12 -18.35 -6.34
CA SER C 30 12.50 -18.54 -6.69
C SER C 30 12.82 -17.63 -7.87
N SER C 31 13.29 -18.21 -8.99
CA SER C 31 13.64 -17.44 -10.16
C SER C 31 12.66 -17.67 -11.30
N TYR C 32 11.52 -18.34 -11.03
CA TYR C 32 10.68 -18.82 -12.11
C TYR C 32 9.68 -17.75 -12.53
N LEU C 33 10.23 -16.65 -13.07
CA LEU C 33 9.46 -15.50 -13.52
C LEU C 33 9.90 -15.12 -14.92
N ALA C 34 8.90 -14.76 -15.75
CA ALA C 34 9.12 -14.29 -17.10
C ALA C 34 8.39 -12.97 -17.36
N TRP C 35 8.84 -12.26 -18.41
CA TRP C 35 8.24 -10.99 -18.79
C TRP C 35 7.81 -11.02 -20.25
N TYR C 36 6.64 -10.43 -20.51
CA TYR C 36 6.10 -10.35 -21.86
C TYR C 36 5.75 -8.90 -22.21
N GLN C 37 5.93 -8.60 -23.49
CA GLN C 37 5.45 -7.37 -24.08
C GLN C 37 4.20 -7.66 -24.91
N GLN C 38 3.20 -6.77 -24.84
CA GLN C 38 2.01 -6.91 -25.66
C GLN C 38 1.71 -5.57 -26.32
N LYS C 39 1.98 -5.50 -27.64
CA LYS C 39 1.62 -4.35 -28.45
C LYS C 39 0.13 -4.47 -28.74
N PRO C 40 -0.60 -3.34 -28.88
CA PRO C 40 -2.07 -3.41 -28.98
C PRO C 40 -2.53 -4.26 -30.16
N GLY C 41 -3.57 -5.07 -29.89
CA GLY C 41 -4.12 -6.00 -30.88
C GLY C 41 -3.06 -6.94 -31.47
N LYS C 42 -2.11 -7.37 -30.64
CA LYS C 42 -1.14 -8.40 -31.00
C LYS C 42 -1.04 -9.41 -29.85
N ALA C 43 -0.55 -10.61 -30.17
CA ALA C 43 -0.25 -11.61 -29.16
C ALA C 43 0.95 -11.11 -28.35
N PRO C 44 1.14 -11.55 -27.09
CA PRO C 44 2.35 -11.23 -26.35
C PRO C 44 3.61 -11.81 -26.98
N ASN C 45 4.75 -11.15 -26.70
CA ASN C 45 6.10 -11.62 -27.00
C ASN C 45 6.88 -11.78 -25.71
N LEU C 46 7.66 -12.86 -25.67
CA LEU C 46 8.52 -13.17 -24.55
C LEU C 46 9.73 -12.24 -24.62
N LEU C 47 10.03 -11.56 -23.49
CA LEU C 47 11.20 -10.71 -23.36
C LEU C 47 12.28 -11.44 -22.57
N ILE C 48 11.88 -11.89 -21.37
CA ILE C 48 12.82 -12.36 -20.36
C ILE C 48 12.24 -13.60 -19.70
N TYR C 49 13.11 -14.57 -19.41
CA TYR C 49 12.74 -15.72 -18.60
C TYR C 49 13.80 -15.94 -17.52
N ALA C 50 13.49 -16.83 -16.57
CA ALA C 50 14.39 -17.12 -15.46
C ALA C 50 14.81 -15.81 -14.76
N THR C 51 13.86 -14.89 -14.60
CA THR C 51 14.12 -13.63 -13.92
C THR C 51 14.99 -12.68 -14.77
N SER C 52 16.06 -13.17 -15.40
CA SER C 52 17.00 -12.22 -15.99
C SER C 52 17.66 -12.74 -17.27
N SER C 53 17.27 -13.92 -17.78
CA SER C 53 17.75 -14.36 -19.08
C SER C 53 16.99 -13.65 -20.19
N LEU C 54 17.74 -13.01 -21.08
CA LEU C 54 17.16 -12.26 -22.18
C LEU C 54 16.84 -13.20 -23.34
N GLN C 55 15.60 -13.11 -23.85
CA GLN C 55 15.17 -13.95 -24.95
C GLN C 55 15.85 -13.50 -26.25
N SER C 56 16.35 -14.50 -26.98
CA SER C 56 16.98 -14.30 -28.28
C SER C 56 16.14 -13.36 -29.13
N GLY C 57 16.81 -12.33 -29.68
CA GLY C 57 16.18 -11.36 -30.54
C GLY C 57 15.72 -10.13 -29.76
N VAL C 58 15.73 -10.17 -28.42
CA VAL C 58 15.27 -9.01 -27.67
C VAL C 58 16.46 -8.07 -27.42
N PRO C 59 16.25 -6.73 -27.59
CA PRO C 59 17.28 -5.73 -27.29
C PRO C 59 17.72 -5.78 -25.83
N SER C 60 19.01 -5.52 -25.61
CA SER C 60 19.62 -5.61 -24.29
C SER C 60 19.21 -4.43 -23.39
N ARG C 61 18.46 -3.45 -23.92
CA ARG C 61 17.95 -2.39 -23.07
C ARG C 61 16.87 -2.90 -22.12
N PHE C 62 16.38 -4.12 -22.37
CA PHE C 62 15.51 -4.85 -21.47
C PHE C 62 16.37 -5.70 -20.54
N SER C 63 16.13 -5.58 -19.23
CA SER C 63 16.80 -6.41 -18.24
C SER C 63 15.84 -6.71 -17.10
N GLY C 64 15.97 -7.92 -16.57
CA GLY C 64 15.16 -8.37 -15.44
C GLY C 64 16.06 -8.67 -14.25
N SER C 65 15.53 -8.44 -13.05
CA SER C 65 16.19 -8.81 -11.81
C SER C 65 15.14 -9.10 -10.76
N GLY C 66 15.58 -9.67 -9.64
CA GLY C 66 14.72 -9.95 -8.52
C GLY C 66 15.18 -11.21 -7.83
N SER C 67 14.61 -11.49 -6.65
CA SER C 67 14.76 -12.82 -6.07
C SER C 67 13.57 -13.09 -5.15
N GLY C 68 12.89 -14.20 -5.43
CA GLY C 68 11.93 -14.75 -4.52
C GLY C 68 10.54 -14.15 -4.74
N THR C 69 10.38 -12.89 -4.25
CA THR C 69 9.06 -12.28 -4.14
C THR C 69 9.01 -10.97 -4.93
N ASP C 70 10.14 -10.25 -5.03
CA ASP C 70 10.15 -8.98 -5.75
C ASP C 70 10.95 -9.12 -7.03
N PHE C 71 10.32 -8.69 -8.14
CA PHE C 71 10.93 -8.74 -9.45
C PHE C 71 10.75 -7.41 -10.16
N THR C 72 11.74 -7.09 -10.99
CA THR C 72 11.78 -5.83 -11.69
C THR C 72 12.03 -6.10 -13.16
N LEU C 73 11.33 -5.35 -14.02
CA LEU C 73 11.74 -5.24 -15.42
C LEU C 73 12.17 -3.81 -15.66
N THR C 74 13.40 -3.64 -16.15
CA THR C 74 13.91 -2.33 -16.49
C THR C 74 14.04 -2.18 -18.00
N ILE C 75 13.58 -1.04 -18.50
CA ILE C 75 13.93 -0.60 -19.83
C ILE C 75 14.90 0.54 -19.62
N THR C 76 16.18 0.34 -19.98
CA THR C 76 17.24 1.26 -19.57
C THR C 76 17.28 2.49 -20.48
N SER C 77 16.78 2.37 -21.73
CA SER C 77 16.75 3.51 -22.62
C SER C 77 15.51 3.44 -23.51
N LEU C 78 14.37 3.93 -22.98
CA LEU C 78 13.06 3.78 -23.62
C LEU C 78 13.06 4.30 -25.06
N GLN C 79 12.40 3.56 -25.97
CA GLN C 79 12.28 3.97 -27.36
C GLN C 79 10.83 3.97 -27.78
N SER C 80 10.55 4.65 -28.90
CA SER C 80 9.21 4.96 -29.33
C SER C 80 8.37 3.68 -29.52
N GLU C 81 9.06 2.60 -29.91
CA GLU C 81 8.42 1.33 -30.25
C GLU C 81 8.30 0.45 -29.00
N ASP C 82 8.59 1.02 -27.82
CA ASP C 82 8.45 0.29 -26.59
C ASP C 82 7.05 0.54 -25.99
N PHE C 83 6.26 1.38 -26.65
CA PHE C 83 4.84 1.54 -26.35
C PHE C 83 4.17 0.19 -26.40
N ALA C 84 3.76 -0.30 -25.22
CA ALA C 84 3.13 -1.61 -25.09
C ALA C 84 2.53 -1.74 -23.70
N THR C 85 1.89 -2.89 -23.46
CA THR C 85 1.57 -3.29 -22.09
C THR C 85 2.47 -4.45 -21.70
N TYR C 86 3.06 -4.39 -20.49
CA TYR C 86 4.02 -5.41 -20.09
C TYR C 86 3.44 -6.23 -18.93
N TYR C 87 3.60 -7.55 -19.05
CA TYR C 87 3.09 -8.48 -18.05
C TYR C 87 4.25 -9.31 -17.51
N CYS C 88 4.24 -9.54 -16.20
CA CYS C 88 5.06 -10.60 -15.65
C CYS C 88 4.22 -11.88 -15.60
N GLN C 89 4.92 -13.03 -15.50
CA GLN C 89 4.29 -14.34 -15.43
C GLN C 89 5.16 -15.28 -14.59
N GLN C 90 4.58 -15.85 -13.53
CA GLN C 90 5.31 -16.84 -12.74
C GLN C 90 5.05 -18.22 -13.32
N TYR C 91 6.04 -19.10 -13.16
CA TYR C 91 5.88 -20.50 -13.56
C TYR C 91 6.51 -21.42 -12.51
N TYR C 92 6.60 -20.92 -11.27
CA TYR C 92 7.04 -21.73 -10.15
C TYR C 92 6.07 -22.89 -9.96
N SER C 93 4.76 -22.61 -10.05
CA SER C 93 3.75 -23.64 -9.95
C SER C 93 2.53 -23.30 -10.80
N HIS C 94 1.63 -24.28 -10.95
CA HIS C 94 0.35 -24.07 -11.61
C HIS C 94 -0.70 -23.81 -10.54
N PRO C 95 -1.74 -22.99 -10.82
CA PRO C 95 -1.91 -22.35 -12.12
C PRO C 95 -0.90 -21.25 -12.39
N LEU C 96 -0.52 -21.14 -13.66
CA LEU C 96 0.38 -20.10 -14.11
C LEU C 96 -0.36 -18.78 -13.97
N THR C 97 0.29 -17.81 -13.37
CA THR C 97 -0.37 -16.54 -13.10
C THR C 97 0.47 -15.40 -13.67
N PHE C 98 -0.26 -14.35 -14.07
CA PHE C 98 0.29 -13.18 -14.74
C PHE C 98 -0.01 -11.96 -13.88
N GLY C 99 0.89 -10.96 -13.96
CA GLY C 99 0.64 -9.66 -13.34
C GLY C 99 -0.52 -8.94 -14.04
N GLY C 100 -1.01 -7.88 -13.42
CA GLY C 100 -2.14 -7.14 -13.98
C GLY C 100 -1.75 -6.39 -15.25
N GLY C 101 -0.45 -6.15 -15.42
CA GLY C 101 0.06 -5.47 -16.60
C GLY C 101 0.39 -4.01 -16.31
N THR C 102 1.43 -3.50 -16.97
CA THR C 102 1.78 -2.08 -16.90
C THR C 102 1.74 -1.50 -18.30
N LYS C 103 0.92 -0.47 -18.51
CA LYS C 103 0.80 0.15 -19.82
C LYS C 103 1.83 1.27 -19.92
N VAL C 104 2.77 1.15 -20.88
CA VAL C 104 3.83 2.15 -21.01
C VAL C 104 3.45 3.10 -22.15
N GLU C 105 3.36 4.40 -21.84
CA GLU C 105 3.08 5.41 -22.85
C GLU C 105 4.29 6.32 -22.96
N ILE C 106 4.29 7.17 -23.99
CA ILE C 106 5.48 7.89 -24.36
C ILE C 106 5.15 9.37 -24.50
N LYS C 107 5.80 10.18 -23.66
CA LYS C 107 5.75 11.62 -23.77
C LYS C 107 6.64 12.07 -24.91
N ARG C 108 6.12 13.02 -25.67
CA ARG C 108 6.88 13.68 -26.71
C ARG C 108 6.39 15.12 -26.78
N THR C 109 7.00 15.88 -27.69
CA THR C 109 6.64 17.26 -27.93
C THR C 109 5.26 17.31 -28.57
N VAL C 110 4.64 18.48 -28.48
CA VAL C 110 3.37 18.74 -29.12
C VAL C 110 3.48 18.57 -30.64
N ALA C 111 2.50 17.87 -31.21
CA ALA C 111 2.32 17.79 -32.65
C ALA C 111 0.86 18.11 -32.99
N ALA C 112 0.67 19.05 -33.90
CA ALA C 112 -0.68 19.45 -34.29
C ALA C 112 -1.28 18.42 -35.23
N PRO C 113 -2.61 18.24 -35.19
CA PRO C 113 -3.30 17.38 -36.14
C PRO C 113 -3.47 18.02 -37.52
N SER C 114 -3.35 17.21 -38.56
CA SER C 114 -4.02 17.51 -39.82
C SER C 114 -5.48 17.08 -39.69
N VAL C 115 -6.40 17.91 -40.21
CA VAL C 115 -7.82 17.65 -40.07
C VAL C 115 -8.45 17.45 -41.45
N PHE C 116 -9.09 16.28 -41.62
CA PHE C 116 -9.78 15.97 -42.86
C PHE C 116 -11.25 15.72 -42.55
N ILE C 117 -12.14 16.02 -43.51
CA ILE C 117 -13.57 15.74 -43.36
C ILE C 117 -14.07 14.94 -44.57
N PHE C 118 -15.09 14.11 -44.32
CA PHE C 118 -15.73 13.28 -45.35
C PHE C 118 -17.25 13.40 -45.30
N PRO C 119 -17.91 13.85 -46.39
CA PRO C 119 -19.37 13.81 -46.45
C PRO C 119 -19.83 12.37 -46.59
N PRO C 120 -21.11 12.05 -46.29
CA PRO C 120 -21.61 10.68 -46.39
C PRO C 120 -21.71 10.23 -47.85
N SER C 121 -21.55 8.92 -48.08
CA SER C 121 -21.57 8.36 -49.42
C SER C 121 -22.98 8.44 -49.99
N ASP C 122 -23.06 8.56 -51.32
CA ASP C 122 -24.35 8.47 -51.99
C ASP C 122 -25.00 7.16 -51.53
N GLU C 123 -24.22 6.07 -51.62
CA GLU C 123 -24.68 4.72 -51.35
C GLU C 123 -25.34 4.65 -49.97
N GLN C 124 -24.74 5.32 -48.98
CA GLN C 124 -25.27 5.28 -47.63
C GLN C 124 -26.57 6.05 -47.57
N LEU C 125 -26.62 7.21 -48.26
CA LEU C 125 -27.80 8.06 -48.16
C LEU C 125 -29.01 7.29 -48.64
N LYS C 126 -28.83 6.53 -49.74
CA LYS C 126 -29.89 5.71 -50.31
C LYS C 126 -30.51 4.85 -49.22
N SER C 127 -29.72 4.45 -48.21
CA SER C 127 -30.21 3.50 -47.22
C SER C 127 -30.90 4.21 -46.05
N GLY C 128 -30.93 5.55 -46.05
CA GLY C 128 -31.70 6.30 -45.06
C GLY C 128 -30.88 6.91 -43.93
N THR C 129 -29.57 6.54 -43.83
CA THR C 129 -28.68 7.08 -42.81
C THR C 129 -27.61 7.95 -43.46
N ALA C 130 -26.97 8.80 -42.64
CA ALA C 130 -25.90 9.67 -43.08
C ALA C 130 -24.86 9.84 -41.97
N SER C 131 -23.65 9.30 -42.21
CA SER C 131 -22.51 9.44 -41.30
C SER C 131 -21.47 10.39 -41.90
N VAL C 132 -21.07 11.39 -41.10
CA VAL C 132 -20.07 12.37 -41.46
C VAL C 132 -18.85 12.12 -40.59
N VAL C 133 -17.69 11.95 -41.23
CA VAL C 133 -16.50 11.61 -40.50
C VAL C 133 -15.50 12.75 -40.57
N CYS C 134 -14.96 13.06 -39.37
CA CYS C 134 -13.90 14.03 -39.19
C CYS C 134 -12.68 13.31 -38.65
N LEU C 135 -11.57 13.38 -39.38
CA LEU C 135 -10.32 12.69 -39.05
C LEU C 135 -9.27 13.70 -38.62
N LEU C 136 -8.68 13.43 -37.44
CA LEU C 136 -7.53 14.15 -36.93
C LEU C 136 -6.33 13.23 -37.01
N ASN C 137 -5.30 13.63 -37.76
CA ASN C 137 -4.21 12.72 -38.07
C ASN C 137 -2.89 13.21 -37.44
N ASN C 138 -2.23 12.29 -36.73
CA ASN C 138 -0.85 12.43 -36.27
C ASN C 138 -0.69 13.65 -35.36
N PHE C 139 -1.26 13.58 -34.16
CA PHE C 139 -1.13 14.68 -33.21
C PHE C 139 -0.67 14.16 -31.86
N TYR C 140 -0.14 15.09 -31.05
CA TYR C 140 0.19 14.85 -29.66
C TYR C 140 0.03 16.16 -28.89
N PRO C 141 -0.60 16.19 -27.68
CA PRO C 141 -1.08 15.00 -26.98
C PRO C 141 -2.49 14.50 -27.37
N ARG C 142 -2.92 13.41 -26.71
CA ARG C 142 -4.18 12.73 -26.98
C ARG C 142 -5.36 13.68 -26.81
N GLU C 143 -5.27 14.55 -25.80
CA GLU C 143 -6.36 15.45 -25.47
C GLU C 143 -6.62 16.35 -26.68
N ALA C 144 -7.84 16.28 -27.22
CA ALA C 144 -8.27 17.13 -28.31
C ALA C 144 -9.77 17.38 -28.17
N LYS C 145 -10.26 18.48 -28.75
CA LYS C 145 -11.68 18.75 -28.66
C LYS C 145 -12.25 18.94 -30.05
N VAL C 146 -13.13 18.02 -30.44
CA VAL C 146 -13.77 18.04 -31.74
C VAL C 146 -15.23 18.43 -31.53
N GLN C 147 -15.66 19.53 -32.16
CA GLN C 147 -17.05 19.93 -32.07
C GLN C 147 -17.68 19.98 -33.44
N TRP C 148 -18.86 19.36 -33.55
CA TRP C 148 -19.63 19.38 -34.79
C TRP C 148 -20.56 20.59 -34.77
N LYS C 149 -20.73 21.23 -35.94
CA LYS C 149 -21.73 22.28 -36.12
C LYS C 149 -22.49 22.06 -37.42
N VAL C 150 -23.81 22.27 -37.37
CA VAL C 150 -24.66 22.14 -38.53
C VAL C 150 -25.40 23.46 -38.73
N ASP C 151 -25.26 24.04 -39.93
CA ASP C 151 -25.70 25.41 -40.21
C ASP C 151 -25.30 26.31 -39.03
N ASN C 152 -24.05 26.12 -38.58
CA ASN C 152 -23.45 26.89 -37.51
C ASN C 152 -24.25 26.74 -36.22
N ALA C 153 -24.71 25.51 -35.91
CA ALA C 153 -25.43 25.25 -34.68
C ALA C 153 -24.82 24.04 -33.96
N LEU C 154 -24.26 24.27 -32.77
CA LEU C 154 -23.47 23.27 -32.06
C LEU C 154 -24.30 22.02 -31.79
N GLN C 155 -23.71 20.85 -32.07
CA GLN C 155 -24.34 19.54 -31.87
C GLN C 155 -23.96 18.96 -30.53
N SER C 156 -24.77 18.01 -30.06
CA SER C 156 -24.58 17.39 -28.76
C SER C 156 -25.30 16.04 -28.69
N GLY C 157 -24.59 15.02 -28.15
CA GLY C 157 -25.12 13.67 -27.97
C GLY C 157 -25.32 12.94 -29.30
N ASN C 158 -24.57 13.37 -30.32
CA ASN C 158 -24.95 13.23 -31.71
C ASN C 158 -23.87 12.48 -32.50
N SER C 159 -22.74 12.17 -31.83
CA SER C 159 -21.51 11.80 -32.49
C SER C 159 -20.67 10.96 -31.54
N GLN C 160 -19.69 10.23 -32.09
CA GLN C 160 -18.82 9.39 -31.28
C GLN C 160 -17.39 9.48 -31.80
N GLU C 161 -16.46 9.36 -30.85
CA GLU C 161 -15.05 9.49 -31.14
C GLU C 161 -14.35 8.16 -30.95
N SER C 162 -13.33 7.91 -31.77
CA SER C 162 -12.43 6.80 -31.55
C SER C 162 -10.99 7.30 -31.73
N VAL C 163 -10.03 6.65 -31.06
CA VAL C 163 -8.65 7.13 -31.00
C VAL C 163 -7.71 5.97 -31.24
N THR C 164 -6.66 6.18 -32.04
CA THR C 164 -5.71 5.11 -32.29
C THR C 164 -4.82 4.96 -31.07
N GLU C 165 -4.12 3.83 -31.01
CA GLU C 165 -3.00 3.66 -30.12
C GLU C 165 -1.85 4.50 -30.67
N GLN C 166 -0.89 4.79 -29.80
CA GLN C 166 0.22 5.67 -30.11
C GLN C 166 1.07 5.05 -31.20
N ASP C 167 1.51 5.85 -32.17
CA ASP C 167 2.33 5.35 -33.26
C ASP C 167 3.65 4.83 -32.67
N SER C 168 4.28 3.90 -33.38
CA SER C 168 5.47 3.25 -32.90
C SER C 168 6.73 4.01 -33.30
N LYS C 169 6.65 4.95 -34.25
CA LYS C 169 7.84 5.65 -34.72
C LYS C 169 7.88 7.09 -34.17
N ASP C 170 6.73 7.79 -34.23
CA ASP C 170 6.64 9.22 -33.91
C ASP C 170 5.79 9.45 -32.65
N SER C 171 5.13 8.40 -32.14
CA SER C 171 4.43 8.43 -30.85
C SER C 171 3.19 9.35 -30.88
N THR C 172 2.61 9.60 -32.05
CA THR C 172 1.41 10.43 -32.14
C THR C 172 0.16 9.56 -32.13
N TYR C 173 -0.98 10.23 -32.00
CA TYR C 173 -2.29 9.62 -32.07
C TYR C 173 -3.03 10.14 -33.30
N SER C 174 -3.99 9.35 -33.80
CA SER C 174 -5.02 9.85 -34.70
C SER C 174 -6.39 9.61 -34.06
N LEU C 175 -7.39 10.36 -34.53
CA LEU C 175 -8.72 10.30 -33.94
C LEU C 175 -9.78 10.45 -35.04
N SER C 176 -10.85 9.65 -34.91
CA SER C 176 -12.05 9.79 -35.73
C SER C 176 -13.17 10.36 -34.88
N SER C 177 -13.93 11.29 -35.45
CA SER C 177 -15.21 11.68 -34.89
C SER C 177 -16.28 11.45 -35.96
N THR C 178 -17.36 10.76 -35.57
CA THR C 178 -18.38 10.38 -36.51
C THR C 178 -19.73 10.96 -36.07
N LEU C 179 -20.28 11.86 -36.90
CA LEU C 179 -21.61 12.42 -36.69
C LEU C 179 -22.61 11.59 -37.47
N THR C 180 -23.69 11.13 -36.81
CA THR C 180 -24.67 10.27 -37.49
C THR C 180 -26.05 10.93 -37.47
N LEU C 181 -26.66 11.06 -38.65
CA LEU C 181 -27.96 11.67 -38.83
C LEU C 181 -28.83 10.77 -39.72
N SER C 182 -30.15 10.96 -39.63
CA SER C 182 -31.06 10.39 -40.59
C SER C 182 -30.93 11.14 -41.90
N LYS C 183 -31.32 10.49 -43.00
CA LYS C 183 -31.33 11.15 -44.30
C LYS C 183 -32.23 12.39 -44.25
N ALA C 184 -33.27 12.34 -43.39
CA ALA C 184 -34.24 13.42 -43.26
C ALA C 184 -33.58 14.66 -42.65
N ASP C 185 -32.96 14.50 -41.46
CA ASP C 185 -32.18 15.54 -40.81
C ASP C 185 -31.10 16.06 -41.75
N TYR C 186 -30.27 15.13 -42.26
CA TYR C 186 -29.11 15.51 -43.04
C TYR C 186 -29.53 16.52 -44.11
N GLU C 187 -30.71 16.30 -44.72
CA GLU C 187 -31.09 17.07 -45.91
C GLU C 187 -31.77 18.39 -45.54
N LYS C 188 -32.07 18.60 -44.24
CA LYS C 188 -32.57 19.89 -43.78
C LYS C 188 -31.47 20.95 -43.92
N HIS C 189 -30.29 20.63 -43.39
CA HIS C 189 -29.23 21.59 -43.20
C HIS C 189 -28.28 21.55 -44.37
N LYS C 190 -27.33 22.50 -44.42
CA LYS C 190 -26.45 22.70 -45.56
C LYS C 190 -24.99 22.58 -45.14
N VAL C 191 -24.59 23.37 -44.12
CA VAL C 191 -23.19 23.52 -43.76
C VAL C 191 -22.87 22.55 -42.64
N TYR C 192 -21.92 21.63 -42.93
CA TYR C 192 -21.43 20.68 -41.93
C TYR C 192 -19.95 20.93 -41.67
N ALA C 193 -19.62 21.13 -40.38
CA ALA C 193 -18.30 21.61 -39.96
C ALA C 193 -17.85 20.90 -38.69
N CYS C 194 -16.59 20.44 -38.67
CA CYS C 194 -15.96 20.05 -37.41
C CYS C 194 -14.86 21.06 -37.07
N GLU C 195 -14.88 21.47 -35.80
CA GLU C 195 -13.99 22.45 -35.20
C GLU C 195 -13.12 21.73 -34.19
N VAL C 196 -11.81 21.74 -34.47
CA VAL C 196 -10.83 21.00 -33.70
C VAL C 196 -10.04 22.01 -32.87
N THR C 197 -9.98 21.73 -31.57
CA THR C 197 -9.24 22.52 -30.59
C THR C 197 -8.18 21.62 -29.97
N HIS C 198 -6.93 22.10 -30.02
CA HIS C 198 -5.76 21.30 -29.66
C HIS C 198 -4.60 22.21 -29.28
N GLN C 199 -3.80 21.74 -28.31
CA GLN C 199 -2.69 22.50 -27.80
C GLN C 199 -1.78 22.96 -28.94
N GLY C 200 -1.55 22.08 -29.91
CA GLY C 200 -0.64 22.37 -31.00
C GLY C 200 -1.20 23.36 -32.01
N LEU C 201 -2.48 23.72 -31.87
CA LEU C 201 -3.06 24.77 -32.71
C LEU C 201 -3.20 26.05 -31.89
N SER C 202 -3.00 27.21 -32.54
CA SER C 202 -3.07 28.49 -31.85
C SER C 202 -4.52 28.97 -31.73
N SER C 203 -5.26 28.96 -32.84
CA SER C 203 -6.72 29.08 -32.83
C SER C 203 -7.34 27.82 -33.44
N PRO C 204 -8.62 27.51 -33.17
CA PRO C 204 -9.23 26.28 -33.70
C PRO C 204 -9.20 26.14 -35.23
N VAL C 205 -9.08 24.91 -35.73
CA VAL C 205 -9.20 24.64 -37.15
C VAL C 205 -10.59 24.09 -37.45
N THR C 206 -11.24 24.63 -38.49
CA THR C 206 -12.58 24.22 -38.88
C THR C 206 -12.52 23.65 -40.29
N LYS C 207 -12.94 22.38 -40.46
CA LYS C 207 -13.16 21.85 -41.79
C LYS C 207 -14.66 21.67 -41.98
N SER C 208 -15.14 21.95 -43.20
CA SER C 208 -16.57 21.99 -43.44
C SER C 208 -16.89 21.79 -44.92
N PHE C 209 -18.17 21.47 -45.18
CA PHE C 209 -18.65 21.33 -46.55
C PHE C 209 -20.12 21.73 -46.61
N ASN C 210 -20.54 22.06 -47.85
CA ASN C 210 -21.93 22.30 -48.21
C ASN C 210 -22.53 21.02 -48.78
N ARG C 211 -23.64 20.60 -48.19
CA ARG C 211 -24.28 19.34 -48.51
C ARG C 211 -24.43 19.15 -50.02
N GLY C 212 -25.07 20.13 -50.67
CA GLY C 212 -25.56 19.96 -52.03
C GLY C 212 -24.48 20.15 -53.11
N GLU C 213 -23.20 20.22 -52.71
CA GLU C 213 -22.11 20.28 -53.67
C GLU C 213 -21.34 18.96 -53.64
N CYS C 214 -22.05 17.88 -53.26
CA CYS C 214 -21.52 16.53 -53.23
C CYS C 214 -22.49 15.56 -53.96
N ALA D 1 16.79 3.44 12.33
CA ALA D 1 15.63 3.13 13.21
C ALA D 1 14.85 1.92 12.66
N ILE D 2 14.18 1.16 13.55
CA ILE D 2 13.15 0.24 13.13
C ILE D 2 11.86 1.05 13.01
N ARG D 3 11.31 1.11 11.79
CA ARG D 3 10.12 1.88 11.52
C ARG D 3 8.89 1.03 11.86
N MET D 4 8.00 1.60 12.70
CA MET D 4 6.70 1.01 12.97
C MET D 4 5.62 1.78 12.21
N THR D 5 4.96 1.10 11.26
CA THR D 5 3.86 1.67 10.50
C THR D 5 2.55 1.19 11.12
N GLN D 6 1.82 2.14 11.72
CA GLN D 6 0.51 1.88 12.29
C GLN D 6 -0.60 2.18 11.29
N SER D 7 -1.66 1.37 11.33
CA SER D 7 -2.84 1.62 10.51
C SER D 7 -4.09 1.09 11.22
N PRO D 8 -5.26 1.77 11.06
CA PRO D 8 -5.34 3.04 10.34
C PRO D 8 -4.89 4.15 11.29
N SER D 9 -4.81 5.37 10.79
CA SER D 9 -4.41 6.49 11.63
C SER D 9 -5.59 6.97 12.48
N SER D 10 -6.83 6.66 12.05
CA SER D 10 -7.98 6.92 12.90
C SER D 10 -9.15 6.06 12.47
N PHE D 11 -10.11 5.85 13.39
CA PHE D 11 -11.40 5.34 12.97
C PHE D 11 -12.46 5.73 14.00
N SER D 12 -13.72 5.70 13.52
CA SER D 12 -14.91 5.87 14.33
C SER D 12 -15.59 4.52 14.49
N ALA D 13 -16.02 4.22 15.70
CA ALA D 13 -16.77 2.99 15.93
C ALA D 13 -17.88 3.26 16.93
N SER D 14 -18.88 2.39 16.94
CA SER D 14 -19.94 2.45 17.93
C SER D 14 -19.47 1.69 19.17
N ILE D 15 -20.10 1.99 20.31
CA ILE D 15 -19.85 1.22 21.52
C ILE D 15 -20.23 -0.23 21.25
N GLY D 16 -19.40 -1.15 21.73
CA GLY D 16 -19.64 -2.57 21.60
C GLY D 16 -18.94 -3.16 20.37
N ASP D 17 -18.50 -2.28 19.45
CA ASP D 17 -17.78 -2.73 18.27
C ASP D 17 -16.47 -3.39 18.69
N ARG D 18 -16.02 -4.33 17.85
CA ARG D 18 -14.69 -4.91 17.93
C ARG D 18 -13.78 -4.14 16.97
N VAL D 19 -12.62 -3.70 17.44
CA VAL D 19 -11.79 -2.81 16.65
C VAL D 19 -10.34 -3.28 16.72
N THR D 20 -9.67 -3.13 15.58
CA THR D 20 -8.37 -3.75 15.37
C THR D 20 -7.42 -2.72 14.81
N ILE D 21 -6.32 -2.51 15.54
CA ILE D 21 -5.26 -1.60 15.15
C ILE D 21 -4.04 -2.43 14.76
N THR D 22 -3.45 -2.08 13.61
CA THR D 22 -2.35 -2.85 13.05
C THR D 22 -1.07 -2.05 13.15
N CYS D 23 0.01 -2.79 13.41
CA CYS D 23 1.34 -2.21 13.52
C CYS D 23 2.31 -3.15 12.79
N ARG D 24 2.99 -2.60 11.76
CA ARG D 24 3.91 -3.37 10.94
C ARG D 24 5.34 -2.84 11.15
N ALA D 25 6.29 -3.74 11.40
CA ALA D 25 7.67 -3.33 11.65
C ALA D 25 8.50 -3.48 10.39
N SER D 26 9.44 -2.55 10.17
CA SER D 26 10.30 -2.55 8.99
C SER D 26 11.23 -3.78 8.98
N GLN D 27 11.35 -4.45 10.13
CA GLN D 27 12.06 -5.71 10.22
C GLN D 27 11.49 -6.51 11.39
N GLY D 28 11.88 -7.78 11.49
CA GLY D 28 11.46 -8.63 12.58
C GLY D 28 11.82 -7.98 13.90
N ILE D 29 10.92 -8.08 14.89
CA ILE D 29 11.20 -7.60 16.24
C ILE D 29 10.79 -8.67 17.26
N SER D 30 10.70 -9.92 16.77
CA SER D 30 10.33 -11.05 17.59
C SER D 30 9.03 -10.71 18.31
N SER D 31 9.03 -10.76 19.64
CA SER D 31 7.85 -10.50 20.43
C SER D 31 7.95 -9.17 21.18
N TYR D 32 9.00 -8.36 20.88
CA TYR D 32 9.33 -7.24 21.76
C TYR D 32 8.55 -6.00 21.33
N LEU D 33 7.22 -6.09 21.50
CA LEU D 33 6.30 -5.02 21.15
C LEU D 33 5.37 -4.75 22.32
N ALA D 34 5.10 -3.45 22.54
CA ALA D 34 4.17 -2.99 23.57
C ALA D 34 3.15 -2.02 22.99
N TRP D 35 2.03 -1.86 23.72
CA TRP D 35 0.95 -0.97 23.29
C TRP D 35 0.60 0.03 24.40
N TYR D 36 0.31 1.27 23.99
CA TYR D 36 0.00 2.34 24.93
C TYR D 36 -1.28 3.05 24.50
N GLN D 37 -2.04 3.47 25.52
CA GLN D 37 -3.18 4.36 25.35
C GLN D 37 -2.79 5.77 25.79
N GLN D 38 -3.22 6.78 25.02
CA GLN D 38 -2.98 8.17 25.38
C GLN D 38 -4.28 8.95 25.28
N LYS D 39 -4.86 9.25 26.46
CA LYS D 39 -6.02 10.11 26.55
C LYS D 39 -5.52 11.54 26.39
N PRO D 40 -6.33 12.47 25.84
CA PRO D 40 -5.82 13.79 25.47
C PRO D 40 -5.27 14.54 26.68
N GLY D 41 -4.13 15.20 26.48
CA GLY D 41 -3.45 15.94 27.55
C GLY D 41 -3.17 15.07 28.79
N LYS D 42 -2.82 13.80 28.54
CA LYS D 42 -2.32 12.91 29.57
C LYS D 42 -1.07 12.20 29.04
N ALA D 43 -0.22 11.73 29.96
CA ALA D 43 0.88 10.86 29.59
C ALA D 43 0.31 9.53 29.11
N PRO D 44 1.02 8.74 28.27
CA PRO D 44 0.55 7.40 27.90
C PRO D 44 0.46 6.46 29.10
N ASN D 45 -0.44 5.45 28.99
CA ASN D 45 -0.48 4.29 29.85
C ASN D 45 -0.19 3.03 29.05
N LEU D 46 0.53 2.12 29.72
CA LEU D 46 0.89 0.85 29.15
C LEU D 46 -0.32 -0.05 29.21
N LEU D 47 -0.67 -0.68 28.07
CA LEU D 47 -1.76 -1.64 27.97
C LEU D 47 -1.21 -3.05 27.94
N ILE D 48 -0.28 -3.27 27.00
CA ILE D 48 0.17 -4.60 26.65
C ILE D 48 1.68 -4.57 26.44
N TYR D 49 2.35 -5.64 26.89
CA TYR D 49 3.77 -5.83 26.60
C TYR D 49 3.97 -7.27 26.11
N ALA D 50 5.19 -7.54 25.59
CA ALA D 50 5.53 -8.85 25.06
C ALA D 50 4.47 -9.31 24.05
N THR D 51 4.01 -8.38 23.20
CA THR D 51 3.04 -8.72 22.15
C THR D 51 1.64 -8.93 22.74
N SER D 52 1.51 -9.69 23.84
CA SER D 52 0.17 -10.14 24.22
C SER D 52 -0.05 -10.25 25.72
N SER D 53 0.94 -9.90 26.54
CA SER D 53 0.74 -9.87 27.98
C SER D 53 0.00 -8.60 28.39
N LEU D 54 -1.11 -8.79 29.10
CA LEU D 54 -1.94 -7.69 29.54
C LEU D 54 -1.37 -7.09 30.81
N GLN D 55 -1.24 -5.74 30.82
CA GLN D 55 -0.69 -5.03 31.96
C GLN D 55 -1.70 -5.04 33.10
N SER D 56 -1.19 -5.35 34.29
CA SER D 56 -1.97 -5.35 35.52
C SER D 56 -2.82 -4.08 35.62
N GLY D 57 -4.12 -4.26 35.86
CA GLY D 57 -5.05 -3.14 35.95
C GLY D 57 -5.77 -2.86 34.63
N VAL D 58 -5.32 -3.46 33.51
CA VAL D 58 -5.97 -3.16 32.24
C VAL D 58 -7.12 -4.15 32.00
N PRO D 59 -8.29 -3.66 31.51
CA PRO D 59 -9.42 -4.52 31.13
C PRO D 59 -9.05 -5.54 30.06
N SER D 60 -9.64 -6.74 30.17
CA SER D 60 -9.31 -7.84 29.30
C SER D 60 -9.95 -7.69 27.91
N ARG D 61 -10.73 -6.64 27.68
CA ARG D 61 -11.24 -6.40 26.33
C ARG D 61 -10.11 -5.90 25.41
N PHE D 62 -8.97 -5.55 26.01
CA PHE D 62 -7.74 -5.28 25.27
C PHE D 62 -6.94 -6.56 25.12
N SER D 63 -6.53 -6.89 23.89
CA SER D 63 -5.70 -8.06 23.63
C SER D 63 -4.77 -7.77 22.45
N GLY D 64 -3.55 -8.33 22.56
CA GLY D 64 -2.52 -8.14 21.56
C GLY D 64 -2.11 -9.48 20.96
N SER D 65 -1.77 -9.46 19.67
CA SER D 65 -1.24 -10.65 18.99
C SER D 65 -0.29 -10.18 17.89
N GLY D 66 0.42 -11.15 17.31
CA GLY D 66 1.28 -10.88 16.18
C GLY D 66 2.48 -11.81 16.24
N SER D 67 3.30 -11.80 15.20
CA SER D 67 4.61 -12.43 15.30
C SER D 67 5.54 -11.78 14.30
N GLY D 68 6.65 -11.25 14.82
CA GLY D 68 7.77 -10.85 14.00
C GLY D 68 7.62 -9.43 13.48
N THR D 69 6.73 -9.28 12.46
CA THR D 69 6.64 -8.04 11.70
C THR D 69 5.24 -7.45 11.80
N ASP D 70 4.21 -8.29 11.94
CA ASP D 70 2.85 -7.81 11.99
C ASP D 70 2.28 -8.01 13.38
N PHE D 71 1.72 -6.92 13.95
CA PHE D 71 1.16 -6.94 15.29
C PHE D 71 -0.20 -6.25 15.28
N THR D 72 -1.08 -6.73 16.15
CA THR D 72 -2.43 -6.24 16.23
C THR D 72 -2.75 -5.91 17.68
N LEU D 73 -3.48 -4.80 17.88
CA LEU D 73 -4.16 -4.55 19.13
C LEU D 73 -5.66 -4.59 18.85
N THR D 74 -6.37 -5.45 19.58
CA THR D 74 -7.82 -5.53 19.45
C THR D 74 -8.48 -4.98 20.71
N ILE D 75 -9.50 -4.17 20.50
CA ILE D 75 -10.45 -3.83 21.54
C ILE D 75 -11.71 -4.60 21.20
N THR D 76 -12.05 -5.61 22.01
CA THR D 76 -13.08 -6.57 21.59
C THR D 76 -14.49 -6.02 21.83
N SER D 77 -14.64 -5.08 22.77
CA SER D 77 -15.95 -4.50 23.01
C SER D 77 -15.81 -3.03 23.39
N LEU D 78 -15.67 -2.15 22.39
CA LEU D 78 -15.31 -0.75 22.57
C LEU D 78 -16.26 -0.04 23.56
N GLN D 79 -15.68 0.79 24.45
CA GLN D 79 -16.47 1.55 25.41
C GLN D 79 -16.16 3.03 25.29
N SER D 80 -17.08 3.86 25.81
CA SER D 80 -17.04 5.30 25.63
C SER D 80 -15.71 5.90 26.10
N GLU D 81 -15.09 5.28 27.12
CA GLU D 81 -13.89 5.80 27.74
C GLU D 81 -12.64 5.25 27.03
N ASP D 82 -12.84 4.58 25.90
CA ASP D 82 -11.73 4.08 25.12
C ASP D 82 -11.30 5.10 24.06
N PHE D 83 -12.03 6.23 23.99
CA PHE D 83 -11.63 7.38 23.20
C PHE D 83 -10.23 7.81 23.63
N ALA D 84 -9.26 7.58 22.75
CA ALA D 84 -7.86 7.86 23.01
C ALA D 84 -7.10 7.80 21.70
N THR D 85 -5.79 8.03 21.78
CA THR D 85 -4.89 7.69 20.69
C THR D 85 -4.02 6.52 21.13
N TYR D 86 -3.85 5.51 20.28
CA TYR D 86 -3.11 4.30 20.66
C TYR D 86 -1.81 4.21 19.86
N TYR D 87 -0.73 3.88 20.57
CA TYR D 87 0.59 3.76 19.96
C TYR D 87 1.11 2.34 20.22
N CYS D 88 1.75 1.75 19.22
CA CYS D 88 2.63 0.63 19.47
C CYS D 88 4.05 1.15 19.72
N GLN D 89 4.88 0.31 20.35
CA GLN D 89 6.28 0.61 20.61
C GLN D 89 7.11 -0.67 20.57
N GLN D 90 8.15 -0.69 19.73
CA GLN D 90 9.06 -1.84 19.69
C GLN D 90 10.20 -1.60 20.68
N TYR D 91 10.71 -2.70 21.23
CA TYR D 91 11.87 -2.61 22.10
C TYR D 91 12.84 -3.75 21.80
N TYR D 92 12.77 -4.28 20.57
CA TYR D 92 13.73 -5.28 20.11
C TYR D 92 15.13 -4.67 20.11
N SER D 93 15.25 -3.41 19.66
CA SER D 93 16.53 -2.71 19.71
C SER D 93 16.32 -1.22 19.94
N HIS D 94 17.42 -0.53 20.21
CA HIS D 94 17.42 0.92 20.25
C HIS D 94 17.88 1.44 18.90
N PRO D 95 17.39 2.61 18.44
CA PRO D 95 16.47 3.43 19.22
C PRO D 95 15.07 2.83 19.31
N LEU D 96 14.45 3.04 20.48
CA LEU D 96 13.09 2.59 20.70
C LEU D 96 12.19 3.41 19.79
N THR D 97 11.30 2.75 19.07
CA THR D 97 10.48 3.43 18.09
C THR D 97 9.02 3.11 18.35
N PHE D 98 8.18 4.10 18.04
CA PHE D 98 6.75 4.06 18.26
C PHE D 98 6.04 4.17 16.92
N GLY D 99 4.85 3.56 16.84
CA GLY D 99 3.97 3.76 15.69
C GLY D 99 3.45 5.19 15.66
N GLY D 100 2.88 5.59 14.52
CA GLY D 100 2.44 6.96 14.35
C GLY D 100 1.19 7.27 15.18
N GLY D 101 0.50 6.22 15.64
CA GLY D 101 -0.65 6.37 16.52
C GLY D 101 -1.95 6.19 15.73
N THR D 102 -2.97 5.62 16.41
CA THR D 102 -4.30 5.52 15.86
C THR D 102 -5.28 6.25 16.78
N LYS D 103 -5.98 7.24 16.25
CA LYS D 103 -6.93 8.00 17.04
C LYS D 103 -8.30 7.33 16.97
N VAL D 104 -8.81 6.88 18.13
CA VAL D 104 -10.06 6.15 18.15
C VAL D 104 -11.18 7.11 18.58
N GLU D 105 -12.21 7.26 17.71
CA GLU D 105 -13.34 8.13 18.01
C GLU D 105 -14.57 7.25 18.12
N ILE D 106 -15.67 7.84 18.62
CA ILE D 106 -16.82 7.06 19.01
C ILE D 106 -18.07 7.65 18.38
N LYS D 107 -18.71 6.84 17.54
CA LYS D 107 -20.01 7.17 16.99
C LYS D 107 -21.07 6.90 18.03
N ARG D 108 -22.02 7.85 18.09
CA ARG D 108 -23.18 7.71 18.93
C ARG D 108 -24.34 8.38 18.21
N THR D 109 -25.51 8.32 18.87
CA THR D 109 -26.72 8.95 18.38
C THR D 109 -26.58 10.46 18.46
N VAL D 110 -27.40 11.16 17.69
CA VAL D 110 -27.44 12.61 17.70
C VAL D 110 -27.83 13.12 19.08
N ALA D 111 -27.08 14.14 19.54
CA ALA D 111 -27.41 14.89 20.74
C ALA D 111 -27.37 16.38 20.40
N ALA D 112 -28.46 17.09 20.70
CA ALA D 112 -28.52 18.51 20.40
C ALA D 112 -27.72 19.30 21.44
N PRO D 113 -27.13 20.43 21.02
CA PRO D 113 -26.47 21.34 21.95
C PRO D 113 -27.43 22.19 22.77
N SER D 114 -27.10 22.41 24.04
CA SER D 114 -27.57 23.59 24.75
C SER D 114 -26.70 24.77 24.34
N VAL D 115 -27.34 25.92 24.13
CA VAL D 115 -26.64 27.10 23.64
C VAL D 115 -26.71 28.23 24.65
N PHE D 116 -25.53 28.69 25.08
CA PHE D 116 -25.45 29.79 26.03
C PHE D 116 -24.67 30.92 25.38
N ILE D 117 -24.98 32.17 25.77
CA ILE D 117 -24.23 33.34 25.31
C ILE D 117 -23.76 34.17 26.50
N PHE D 118 -22.61 34.84 26.32
CA PHE D 118 -22.00 35.68 27.33
C PHE D 118 -21.61 37.04 26.75
N PRO D 119 -22.14 38.17 27.26
CA PRO D 119 -21.63 39.48 26.88
C PRO D 119 -20.22 39.68 27.46
N PRO D 120 -19.43 40.64 26.93
CA PRO D 120 -18.09 40.92 27.45
C PRO D 120 -18.16 41.56 28.83
N SER D 121 -17.13 41.31 29.64
CA SER D 121 -17.06 41.82 31.00
C SER D 121 -16.88 43.33 31.00
N ASP D 122 -17.40 44.00 32.03
CA ASP D 122 -17.12 45.40 32.23
C ASP D 122 -15.61 45.56 32.21
N GLU D 123 -14.93 44.71 33.01
CA GLU D 123 -13.49 44.79 33.20
C GLU D 123 -12.76 44.80 31.86
N GLN D 124 -13.22 43.96 30.94
CA GLN D 124 -12.57 43.86 29.64
C GLN D 124 -12.83 45.12 28.84
N LEU D 125 -14.07 45.64 28.91
CA LEU D 125 -14.43 46.79 28.09
C LEU D 125 -13.51 47.95 28.43
N LYS D 126 -13.26 48.14 29.73
CA LYS D 126 -12.37 49.20 30.21
C LYS D 126 -11.05 49.15 29.44
N SER D 127 -10.62 47.94 29.05
CA SER D 127 -9.30 47.78 28.47
C SER D 127 -9.32 48.00 26.94
N GLY D 128 -10.51 48.24 26.36
CA GLY D 128 -10.60 48.63 24.95
C GLY D 128 -11.02 47.50 24.00
N THR D 129 -11.10 46.27 24.51
CA THR D 129 -11.53 45.13 23.69
C THR D 129 -12.87 44.61 24.22
N ALA D 130 -13.56 43.84 23.36
CA ALA D 130 -14.82 43.21 23.69
C ALA D 130 -14.94 41.83 23.02
N SER D 131 -14.90 40.77 23.85
CA SER D 131 -15.07 39.40 23.40
C SER D 131 -16.43 38.85 23.85
N VAL D 132 -17.18 38.33 22.87
CA VAL D 132 -18.50 37.76 23.07
C VAL D 132 -18.40 36.26 22.82
N VAL D 133 -18.85 35.49 23.81
CA VAL D 133 -18.67 34.06 23.76
C VAL D 133 -20.02 33.36 23.64
N CYS D 134 -20.05 32.41 22.70
CA CYS D 134 -21.18 31.55 22.45
C CYS D 134 -20.74 30.12 22.72
N LEU D 135 -21.42 29.46 23.67
CA LEU D 135 -21.10 28.11 24.11
C LEU D 135 -22.17 27.14 23.62
N LEU D 136 -21.71 26.08 22.94
CA LEU D 136 -22.52 24.93 22.56
C LEU D 136 -22.13 23.75 23.43
N ASN D 137 -23.05 23.23 24.24
CA ASN D 137 -22.68 22.27 25.27
C ASN D 137 -23.31 20.89 24.98
N ASN D 138 -22.46 19.87 24.99
CA ASN D 138 -22.84 18.46 25.02
C ASN D 138 -23.69 18.08 23.80
N PHE D 139 -23.06 18.07 22.62
CA PHE D 139 -23.76 17.73 21.40
C PHE D 139 -23.00 16.65 20.63
N TYR D 140 -23.71 16.01 19.70
CA TYR D 140 -23.14 15.09 18.75
C TYR D 140 -24.01 15.11 17.49
N PRO D 141 -23.44 15.17 16.25
CA PRO D 141 -22.00 15.14 16.01
C PRO D 141 -21.26 16.47 16.10
N ARG D 142 -19.93 16.41 15.88
CA ARG D 142 -19.02 17.56 15.98
C ARG D 142 -19.44 18.68 15.04
N GLU D 143 -19.88 18.29 13.84
CA GLU D 143 -20.26 19.23 12.81
C GLU D 143 -21.38 20.11 13.34
N ALA D 144 -21.13 21.42 13.40
CA ALA D 144 -22.12 22.41 13.79
C ALA D 144 -21.82 23.71 13.05
N LYS D 145 -22.80 24.59 12.93
CA LYS D 145 -22.56 25.86 12.27
C LYS D 145 -22.97 27.00 13.18
N VAL D 146 -21.99 27.82 13.59
CA VAL D 146 -22.26 28.97 14.44
C VAL D 146 -22.11 30.23 13.58
N GLN D 147 -23.16 31.05 13.54
CA GLN D 147 -23.08 32.33 12.87
C GLN D 147 -23.33 33.47 13.84
N TRP D 148 -22.43 34.46 13.81
CA TRP D 148 -22.61 35.67 14.58
C TRP D 148 -23.38 36.69 13.75
N LYS D 149 -24.29 37.43 14.41
CA LYS D 149 -24.98 38.55 13.78
C LYS D 149 -24.98 39.75 14.73
N VAL D 150 -24.71 40.93 14.16
CA VAL D 150 -24.70 42.17 14.92
C VAL D 150 -25.70 43.12 14.28
N ASP D 151 -26.67 43.59 15.08
CA ASP D 151 -27.83 44.31 14.58
C ASP D 151 -28.36 43.61 13.34
N ASN D 152 -28.43 42.27 13.43
CA ASN D 152 -28.95 41.40 12.39
C ASN D 152 -28.11 41.55 11.10
N ALA D 153 -26.78 41.62 11.24
CA ALA D 153 -25.90 41.70 10.08
C ALA D 153 -24.79 40.66 10.20
N LEU D 154 -24.78 39.69 9.28
CA LEU D 154 -23.89 38.55 9.34
C LEU D 154 -22.42 38.98 9.41
N GLN D 155 -21.67 38.37 10.35
CA GLN D 155 -20.26 38.65 10.54
C GLN D 155 -19.41 37.65 9.76
N SER D 156 -18.14 38.03 9.50
CA SER D 156 -17.23 37.16 8.77
C SER D 156 -15.77 37.53 9.07
N GLY D 157 -14.93 36.51 9.32
CA GLY D 157 -13.49 36.67 9.56
C GLY D 157 -13.21 37.32 10.91
N ASN D 158 -14.17 37.17 11.82
CA ASN D 158 -14.39 38.09 12.93
C ASN D 158 -14.36 37.35 14.26
N SER D 159 -14.23 36.01 14.20
CA SER D 159 -14.53 35.13 15.32
C SER D 159 -13.73 33.84 15.18
N GLN D 160 -13.59 33.09 16.28
CA GLN D 160 -12.81 31.86 16.27
C GLN D 160 -13.49 30.81 17.12
N GLU D 161 -13.33 29.56 16.70
CA GLU D 161 -14.01 28.43 17.30
C GLU D 161 -12.99 27.49 17.95
N SER D 162 -13.39 26.91 19.09
CA SER D 162 -12.64 25.83 19.70
C SER D 162 -13.61 24.72 20.05
N VAL D 163 -13.13 23.47 20.08
CA VAL D 163 -13.97 22.30 20.29
C VAL D 163 -13.30 21.39 21.33
N THR D 164 -14.09 20.85 22.27
CA THR D 164 -13.51 19.94 23.25
C THR D 164 -13.25 18.60 22.60
N GLU D 165 -12.43 17.79 23.27
CA GLU D 165 -12.34 16.39 22.94
C GLU D 165 -13.63 15.72 23.42
N GLN D 166 -13.90 14.54 22.86
CA GLN D 166 -15.12 13.80 23.10
C GLN D 166 -15.21 13.41 24.57
N ASP D 167 -16.38 13.56 25.19
CA ASP D 167 -16.55 13.18 26.58
C ASP D 167 -16.29 11.68 26.73
N SER D 168 -15.87 11.28 27.92
CA SER D 168 -15.51 9.89 28.16
C SER D 168 -16.72 9.04 28.58
N LYS D 169 -17.83 9.67 28.97
CA LYS D 169 -18.99 8.93 29.45
C LYS D 169 -20.09 8.90 28.39
N ASP D 170 -20.38 10.06 27.78
CA ASP D 170 -21.52 10.22 26.88
C ASP D 170 -21.07 10.50 25.44
N SER D 171 -19.76 10.69 25.23
CA SER D 171 -19.15 10.79 23.91
C SER D 171 -19.58 12.04 23.14
N THR D 172 -20.03 13.10 23.83
CA THR D 172 -20.43 14.34 23.16
C THR D 172 -19.26 15.31 23.10
N TYR D 173 -19.45 16.39 22.35
CA TYR D 173 -18.52 17.49 22.25
C TYR D 173 -19.17 18.74 22.82
N SER D 174 -18.32 19.70 23.27
CA SER D 174 -18.75 21.08 23.44
C SER D 174 -17.90 21.97 22.55
N LEU D 175 -18.41 23.18 22.27
CA LEU D 175 -17.75 24.10 21.35
C LEU D 175 -17.91 25.52 21.85
N SER D 176 -16.83 26.30 21.74
CA SER D 176 -16.84 27.73 22.00
C SER D 176 -16.69 28.48 20.68
N SER D 177 -17.45 29.56 20.53
CA SER D 177 -17.21 30.52 19.47
C SER D 177 -17.03 31.89 20.11
N THR D 178 -15.95 32.58 19.73
CA THR D 178 -15.62 33.85 20.33
C THR D 178 -15.58 34.94 19.26
N LEU D 179 -16.49 35.93 19.38
CA LEU D 179 -16.52 37.11 18.52
C LEU D 179 -15.69 38.20 19.21
N THR D 180 -14.74 38.81 18.48
CA THR D 180 -13.90 39.85 19.08
C THR D 180 -14.07 41.18 18.34
N LEU D 181 -14.36 42.24 19.11
CA LEU D 181 -14.56 43.57 18.59
C LEU D 181 -13.78 44.57 19.44
N SER D 182 -13.50 45.75 18.88
CA SER D 182 -12.99 46.85 19.68
C SER D 182 -14.14 47.41 20.52
N LYS D 183 -13.80 48.09 21.62
CA LYS D 183 -14.78 48.80 22.43
C LYS D 183 -15.58 49.76 21.56
N ALA D 184 -14.94 50.32 20.52
CA ALA D 184 -15.57 51.32 19.65
C ALA D 184 -16.68 50.68 18.83
N ASP D 185 -16.34 49.61 18.09
CA ASP D 185 -17.31 48.83 17.34
C ASP D 185 -18.42 48.32 18.25
N TYR D 186 -18.02 47.64 19.34
CA TYR D 186 -18.99 47.00 20.21
C TYR D 186 -20.10 47.99 20.54
N GLU D 187 -19.73 49.26 20.79
CA GLU D 187 -20.67 50.23 21.34
C GLU D 187 -21.53 50.87 20.25
N LYS D 188 -21.19 50.64 18.97
CA LYS D 188 -22.04 51.09 17.87
C LYS D 188 -23.37 50.35 17.89
N HIS D 189 -23.28 49.02 17.93
CA HIS D 189 -24.40 48.14 17.69
C HIS D 189 -25.08 47.79 19.00
N LYS D 190 -26.26 47.15 18.90
CA LYS D 190 -27.09 46.85 20.07
C LYS D 190 -27.30 45.34 20.21
N VAL D 191 -27.77 44.70 19.13
CA VAL D 191 -28.24 43.31 19.18
C VAL D 191 -27.09 42.39 18.79
N TYR D 192 -26.70 41.52 19.73
CA TYR D 192 -25.67 40.51 19.46
C TYR D 192 -26.27 39.12 19.62
N ALA D 193 -26.10 38.30 18.56
CA ALA D 193 -26.80 37.03 18.42
C ALA D 193 -25.87 35.98 17.80
N CYS D 194 -25.88 34.78 18.40
CA CYS D 194 -25.29 33.63 17.73
C CYS D 194 -26.41 32.66 17.36
N GLU D 195 -26.30 32.20 16.10
CA GLU D 195 -27.24 31.31 15.45
C GLU D 195 -26.54 29.99 15.19
N VAL D 196 -27.04 28.94 15.87
CA VAL D 196 -26.46 27.62 15.85
C VAL D 196 -27.35 26.73 14.97
N THR D 197 -26.69 26.06 14.02
CA THR D 197 -27.32 25.12 13.11
C THR D 197 -26.67 23.76 13.30
N HIS D 198 -27.49 22.74 13.58
CA HIS D 198 -27.01 21.42 13.95
C HIS D 198 -28.04 20.35 13.61
N GLN D 199 -27.54 19.16 13.25
CA GLN D 199 -28.39 18.06 12.86
C GLN D 199 -29.46 17.79 13.91
N GLY D 200 -29.07 17.85 15.20
CA GLY D 200 -29.96 17.55 16.30
C GLY D 200 -30.97 18.66 16.56
N LEU D 201 -30.86 19.78 15.85
CA LEU D 201 -31.89 20.81 15.92
C LEU D 201 -32.73 20.76 14.64
N SER D 202 -34.04 21.04 14.78
CA SER D 202 -34.96 20.98 13.66
C SER D 202 -34.92 22.28 12.84
N SER D 203 -35.03 23.45 13.51
CA SER D 203 -34.62 24.71 12.91
C SER D 203 -33.51 25.36 13.74
N PRO D 204 -32.67 26.24 13.14
CA PRO D 204 -31.57 26.89 13.87
C PRO D 204 -31.96 27.62 15.15
N VAL D 205 -31.07 27.56 16.17
CA VAL D 205 -31.35 28.18 17.47
C VAL D 205 -30.56 29.48 17.59
N THR D 206 -31.21 30.56 18.03
CA THR D 206 -30.55 31.86 18.15
C THR D 206 -30.56 32.31 19.61
N LYS D 207 -29.37 32.56 20.18
CA LYS D 207 -29.30 33.24 21.47
C LYS D 207 -28.74 34.63 21.24
N SER D 208 -29.27 35.62 21.98
CA SER D 208 -28.91 37.01 21.72
C SER D 208 -29.10 37.89 22.96
N PHE D 209 -28.51 39.09 22.90
CA PHE D 209 -28.68 40.08 23.96
C PHE D 209 -28.58 41.48 23.36
N ASN D 210 -29.15 42.43 24.12
CA ASN D 210 -29.04 43.87 23.87
C ASN D 210 -27.92 44.44 24.73
N ARG D 211 -26.98 45.09 24.06
CA ARG D 211 -25.73 45.53 24.66
C ARG D 211 -25.97 46.26 25.98
N GLY D 212 -26.82 47.30 25.93
CA GLY D 212 -26.89 48.27 27.01
C GLY D 212 -27.74 47.83 28.19
N GLU D 213 -28.12 46.54 28.24
CA GLU D 213 -28.85 46.01 29.39
C GLU D 213 -27.91 45.11 30.20
N CYS D 214 -26.60 45.36 30.06
CA CYS D 214 -25.53 44.67 30.78
C CYS D 214 -24.55 45.73 31.38
N ARG E 4 11.30 -19.72 23.05
CA ARG E 4 10.44 -18.96 22.10
C ARG E 4 11.22 -18.71 20.81
N ASN E 5 11.85 -17.53 20.67
CA ASN E 5 12.16 -16.97 19.36
C ASN E 5 13.45 -17.55 18.76
N LEU E 6 14.55 -17.55 19.51
CA LEU E 6 15.79 -18.12 19.01
C LEU E 6 15.64 -19.62 18.74
N ASN E 7 15.05 -20.34 19.72
CA ASN E 7 14.93 -21.79 19.66
C ASN E 7 13.88 -22.23 18.62
N ALA E 8 12.76 -21.49 18.51
CA ALA E 8 11.79 -21.77 17.47
C ALA E 8 12.45 -21.66 16.12
N ALA E 9 13.25 -20.59 15.95
CA ALA E 9 13.97 -20.37 14.70
C ALA E 9 14.92 -21.53 14.43
N ARG E 10 15.66 -21.92 15.49
CA ARG E 10 16.61 -23.02 15.40
C ARG E 10 15.88 -24.29 14.93
N GLU E 11 14.72 -24.61 15.52
CA GLU E 11 13.99 -25.82 15.14
C GLU E 11 13.45 -25.71 13.71
N LEU E 12 12.89 -24.53 13.40
CA LEU E 12 12.41 -24.26 12.06
C LEU E 12 13.51 -24.53 11.03
N PHE E 13 14.70 -23.99 11.27
CA PHE E 13 15.78 -24.11 10.29
C PHE E 13 16.22 -25.56 10.15
N LEU E 14 16.32 -26.28 11.26
CA LEU E 14 16.72 -27.68 11.26
C LEU E 14 15.74 -28.50 10.41
N ASP E 15 14.44 -28.22 10.56
CA ASP E 15 13.41 -28.94 9.82
C ASP E 15 13.49 -28.55 8.35
N GLU E 16 13.53 -27.26 8.12
CA GLU E 16 13.66 -26.70 6.79
C GLU E 16 14.83 -27.35 6.04
N LEU E 17 15.93 -27.60 6.76
CA LEU E 17 17.14 -28.11 6.14
C LEU E 17 16.95 -29.58 5.74
N LYS E 18 16.25 -30.32 6.60
CA LYS E 18 15.96 -31.73 6.38
C LYS E 18 15.11 -31.90 5.11
N ALA E 19 14.11 -31.04 4.99
CA ALA E 19 13.22 -31.02 3.83
C ALA E 19 14.04 -30.84 2.53
N LEU E 20 14.89 -29.80 2.52
CA LEU E 20 15.70 -29.50 1.37
C LEU E 20 16.64 -30.65 1.07
N THR E 21 17.27 -31.17 2.12
CA THR E 21 18.21 -32.26 1.94
C THR E 21 17.49 -33.46 1.31
N ALA E 22 16.24 -33.74 1.77
CA ALA E 22 15.47 -34.84 1.18
C ALA E 22 15.17 -34.58 -0.30
N GLU E 23 14.59 -33.41 -0.58
CA GLU E 23 14.21 -33.04 -1.93
C GLU E 23 15.41 -33.14 -2.85
N LEU E 24 16.54 -32.60 -2.40
CA LEU E 24 17.75 -32.64 -3.21
C LEU E 24 18.12 -34.09 -3.52
N LYS E 25 17.93 -34.98 -2.54
CA LYS E 25 18.30 -36.36 -2.69
C LYS E 25 17.39 -37.03 -3.75
N VAL E 26 16.10 -36.64 -3.73
CA VAL E 26 15.16 -37.13 -4.71
C VAL E 26 15.60 -36.68 -6.09
N TYR E 27 15.80 -35.35 -6.25
CA TYR E 27 16.22 -34.81 -7.54
C TYR E 27 17.52 -35.47 -7.99
N SER E 28 18.37 -35.86 -7.03
CA SER E 28 19.60 -36.56 -7.33
C SER E 28 19.32 -37.91 -8.01
N VAL E 29 18.30 -38.64 -7.51
CA VAL E 29 17.94 -39.93 -8.09
C VAL E 29 17.33 -39.70 -9.47
N ILE E 30 16.47 -38.67 -9.61
CA ILE E 30 15.82 -38.39 -10.87
C ILE E 30 16.86 -37.98 -11.91
N GLN E 31 17.85 -37.19 -11.50
CA GLN E 31 18.89 -36.69 -12.40
C GLN E 31 19.77 -37.84 -12.91
N SER E 32 19.88 -38.88 -12.08
CA SER E 32 20.61 -40.08 -12.43
C SER E 32 19.97 -40.77 -13.65
N GLN E 33 18.67 -41.04 -13.52
CA GLN E 33 17.87 -41.66 -14.58
C GLN E 33 18.05 -40.90 -15.90
N ILE E 34 17.90 -39.58 -15.84
CA ILE E 34 18.04 -38.75 -17.03
C ILE E 34 19.43 -38.89 -17.63
N ASN E 35 20.47 -38.70 -16.79
CA ASN E 35 21.86 -38.77 -17.26
C ASN E 35 22.15 -40.11 -17.92
N ALA E 36 21.52 -41.19 -17.44
CA ALA E 36 21.70 -42.51 -18.04
C ALA E 36 21.14 -42.55 -19.47
N ALA E 37 19.90 -42.05 -19.61
CA ALA E 37 19.23 -41.99 -20.89
C ALA E 37 20.03 -41.13 -21.88
N LEU E 38 20.54 -39.98 -21.41
CA LEU E 38 21.39 -39.14 -22.23
C LEU E 38 22.67 -39.87 -22.63
N SER E 39 23.29 -40.60 -21.68
CA SER E 39 24.52 -41.32 -21.98
C SER E 39 24.28 -42.43 -23.00
N ALA E 40 23.13 -43.10 -22.94
CA ALA E 40 22.85 -44.22 -23.84
C ALA E 40 22.28 -43.76 -25.19
N LYS E 41 22.06 -42.44 -25.35
CA LYS E 41 21.29 -41.88 -26.45
C LYS E 41 19.93 -42.58 -26.53
N GLN E 42 19.19 -42.60 -25.43
CA GLN E 42 17.90 -43.25 -25.40
C GLN E 42 16.85 -42.35 -24.76
N GLY E 43 15.59 -42.77 -24.90
CA GLY E 43 14.48 -42.08 -24.27
C GLY E 43 14.34 -42.48 -22.81
N ILE E 44 13.43 -41.77 -22.11
CA ILE E 44 13.20 -42.06 -20.71
C ILE E 44 11.70 -42.06 -20.45
N ARG E 45 11.30 -43.01 -19.59
CA ARG E 45 9.95 -43.15 -19.12
C ARG E 45 9.85 -42.63 -17.69
N ILE E 46 8.96 -41.66 -17.45
CA ILE E 46 8.90 -41.01 -16.14
C ILE E 46 7.55 -41.28 -15.48
N ASP E 47 6.79 -42.22 -16.06
CA ASP E 47 5.45 -42.55 -15.58
C ASP E 47 5.54 -43.78 -14.68
N ALA E 48 4.41 -44.49 -14.51
CA ALA E 48 4.35 -45.64 -13.63
C ALA E 48 5.16 -46.81 -14.19
N GLY E 49 5.63 -46.69 -15.44
CA GLY E 49 6.55 -47.66 -16.00
C GLY E 49 8.03 -47.31 -15.76
N GLY E 50 8.31 -46.13 -15.18
CA GLY E 50 9.65 -45.79 -14.73
C GLY E 50 9.87 -46.27 -13.30
N ILE E 51 10.92 -45.75 -12.62
CA ILE E 51 11.20 -46.17 -11.24
C ILE E 51 10.16 -45.58 -10.29
N ASP E 52 10.02 -46.24 -9.15
CA ASP E 52 9.20 -45.76 -8.05
C ASP E 52 10.11 -45.03 -7.07
N LEU E 53 9.77 -43.77 -6.76
CA LEU E 53 10.62 -42.95 -5.90
C LEU E 53 10.33 -43.18 -4.41
N VAL E 54 9.25 -43.92 -4.09
CA VAL E 54 8.91 -44.30 -2.72
C VAL E 54 9.51 -45.67 -2.45
N ASP E 55 10.75 -45.88 -2.90
CA ASP E 55 11.49 -47.07 -2.57
C ASP E 55 12.49 -46.69 -1.47
N PRO E 56 12.34 -47.22 -0.23
CA PRO E 56 13.30 -46.90 0.84
C PRO E 56 14.76 -47.14 0.47
N THR E 57 15.03 -48.19 -0.34
CA THR E 57 16.40 -48.57 -0.66
C THR E 57 17.09 -47.44 -1.45
N LEU E 58 16.32 -46.53 -2.06
CA LEU E 58 16.92 -45.40 -2.78
C LEU E 58 17.55 -44.41 -1.81
N TYR E 59 17.31 -44.56 -0.50
CA TYR E 59 17.70 -43.54 0.47
C TYR E 59 18.46 -44.18 1.64
N GLY E 60 18.91 -45.43 1.47
CA GLY E 60 19.73 -46.11 2.45
C GLY E 60 18.92 -46.82 3.53
N TYR E 61 17.61 -47.05 3.30
CA TYR E 61 16.77 -47.79 4.23
C TYR E 61 16.40 -49.14 3.61
N ALA E 62 16.38 -50.21 4.42
CA ALA E 62 15.93 -51.52 3.96
C ALA E 62 14.41 -51.58 4.05
N VAL E 63 13.81 -52.41 3.20
CA VAL E 63 12.36 -52.57 3.19
C VAL E 63 11.93 -53.09 4.56
N GLY E 64 10.86 -52.51 5.11
CA GLY E 64 10.30 -52.99 6.37
C GLY E 64 10.85 -52.20 7.57
N ASP E 65 12.04 -51.62 7.42
CA ASP E 65 12.63 -50.76 8.44
C ASP E 65 11.58 -49.73 8.88
N PRO E 66 11.15 -49.74 10.17
CA PRO E 66 10.05 -48.87 10.62
C PRO E 66 10.41 -47.39 10.58
N ARG E 67 11.72 -47.07 10.64
CA ARG E 67 12.20 -45.70 10.65
C ARG E 67 12.00 -45.00 9.29
N TRP E 68 11.91 -45.78 8.21
CA TRP E 68 11.67 -45.22 6.89
C TRP E 68 10.45 -44.30 6.92
N LYS E 69 9.35 -44.80 7.53
CA LYS E 69 8.11 -44.04 7.63
C LYS E 69 8.34 -42.70 8.33
N ASP E 70 9.38 -42.62 9.19
CA ASP E 70 9.64 -41.38 9.90
C ASP E 70 10.69 -40.53 9.19
N SER E 71 11.10 -40.93 7.98
CA SER E 71 12.18 -40.23 7.31
C SER E 71 11.69 -38.91 6.69
N PRO E 72 12.59 -37.92 6.52
CA PRO E 72 12.28 -36.70 5.77
C PRO E 72 11.87 -36.97 4.32
N GLU E 73 12.51 -37.97 3.72
CA GLU E 73 12.20 -38.40 2.36
C GLU E 73 10.73 -38.84 2.29
N TYR E 74 10.35 -39.80 3.16
CA TYR E 74 8.98 -40.30 3.18
C TYR E 74 8.04 -39.14 3.51
N ALA E 75 8.45 -38.28 4.46
CA ALA E 75 7.63 -37.13 4.82
C ALA E 75 7.34 -36.27 3.60
N LEU E 76 8.40 -35.90 2.86
CA LEU E 76 8.25 -35.10 1.65
C LEU E 76 7.35 -35.81 0.62
N LEU E 77 7.67 -37.10 0.35
CA LEU E 77 7.07 -37.81 -0.76
C LEU E 77 5.61 -38.13 -0.49
N SER E 78 5.27 -38.58 0.72
CA SER E 78 3.91 -39.06 0.98
C SER E 78 2.91 -37.91 1.09
N ASN E 79 3.41 -36.67 1.18
CA ASN E 79 2.55 -35.50 1.36
C ASN E 79 2.32 -34.77 0.03
N LEU E 80 2.82 -35.32 -1.07
CA LEU E 80 2.53 -34.73 -2.36
C LEU E 80 1.13 -35.13 -2.78
N ASP E 81 0.40 -34.19 -3.36
CA ASP E 81 -0.94 -34.45 -3.84
C ASP E 81 -0.99 -35.58 -4.88
N THR E 82 0.15 -35.93 -5.50
CA THR E 82 0.21 -37.00 -6.50
C THR E 82 0.50 -38.35 -5.84
N PHE E 83 0.77 -38.36 -4.52
CA PHE E 83 1.16 -39.59 -3.84
C PHE E 83 -0.01 -40.56 -3.83
N SER E 84 0.27 -41.84 -4.08
CA SER E 84 -0.74 -42.87 -4.15
C SER E 84 -0.28 -44.17 -3.48
N GLY E 85 0.83 -44.11 -2.72
CA GLY E 85 1.51 -45.29 -2.23
C GLY E 85 2.78 -45.52 -3.04
N LYS E 86 2.63 -45.41 -4.36
CA LYS E 86 3.76 -45.29 -5.25
C LYS E 86 3.91 -43.82 -5.59
N LEU E 87 5.01 -43.49 -6.27
CA LEU E 87 5.24 -42.13 -6.76
C LEU E 87 6.26 -42.19 -7.90
N SER E 88 5.80 -41.84 -9.11
CA SER E 88 6.64 -41.81 -10.29
C SER E 88 7.39 -40.48 -10.36
N ILE E 89 8.48 -40.47 -11.12
CA ILE E 89 9.18 -39.25 -11.44
C ILE E 89 8.18 -38.15 -11.80
N LYS E 90 7.30 -38.43 -12.76
CA LYS E 90 6.33 -37.41 -13.15
C LYS E 90 5.48 -36.98 -11.95
N ASP E 91 5.06 -37.95 -11.12
CA ASP E 91 4.22 -37.67 -9.96
C ASP E 91 4.93 -36.68 -9.04
N PHE E 92 6.21 -36.98 -8.77
CA PHE E 92 7.04 -36.14 -7.92
C PHE E 92 7.12 -34.74 -8.51
N LEU E 93 7.61 -34.63 -9.76
CA LEU E 93 7.82 -33.35 -10.43
C LEU E 93 6.53 -32.53 -10.54
N SER E 94 5.38 -33.19 -10.68
CA SER E 94 4.14 -32.43 -10.79
C SER E 94 3.41 -32.36 -9.45
N GLY E 95 4.03 -32.90 -8.39
CA GLY E 95 3.40 -32.95 -7.09
C GLY E 95 3.68 -31.73 -6.23
N SER E 96 2.70 -31.35 -5.39
CA SER E 96 2.84 -30.30 -4.40
C SER E 96 2.37 -30.79 -3.03
N PRO E 97 2.93 -30.26 -1.93
CA PRO E 97 3.91 -29.16 -1.95
C PRO E 97 5.37 -29.60 -1.79
N LYS E 98 6.23 -28.94 -2.56
CA LYS E 98 7.66 -29.11 -2.42
C LYS E 98 8.30 -27.76 -2.74
N GLN E 99 9.59 -27.61 -2.41
CA GLN E 99 10.26 -26.32 -2.36
C GLN E 99 10.59 -25.81 -3.78
N SER E 100 10.62 -26.74 -4.74
CA SER E 100 10.94 -26.42 -6.13
C SER E 100 9.68 -26.15 -6.96
N GLY E 101 8.49 -26.15 -6.35
CA GLY E 101 7.27 -25.88 -7.10
C GLY E 101 6.79 -27.11 -7.86
N GLU E 102 6.10 -26.89 -8.99
CA GLU E 102 5.53 -27.95 -9.80
C GLU E 102 5.95 -27.77 -11.25
N LEU E 103 6.19 -28.90 -11.92
CA LEU E 103 6.20 -28.95 -13.37
C LEU E 103 4.88 -29.57 -13.85
N LYS E 104 4.15 -28.84 -14.70
CA LYS E 104 2.98 -29.40 -15.37
C LYS E 104 3.25 -29.48 -16.88
N GLY E 105 2.30 -30.11 -17.59
CA GLY E 105 2.47 -30.35 -19.01
C GLY E 105 3.60 -31.35 -19.23
N LEU E 106 3.82 -32.22 -18.24
CA LEU E 106 4.83 -33.26 -18.40
C LEU E 106 4.20 -34.44 -19.12
N SER E 107 4.99 -35.05 -20.01
CA SER E 107 4.61 -36.26 -20.72
C SER E 107 5.17 -37.46 -19.98
N ASP E 108 4.53 -38.63 -20.17
CA ASP E 108 4.93 -39.89 -19.55
C ASP E 108 6.27 -40.38 -20.08
N GLU E 109 6.58 -39.99 -21.31
CA GLU E 109 7.70 -40.52 -22.07
C GLU E 109 8.40 -39.35 -22.75
N TYR E 110 9.74 -39.40 -22.78
CA TYR E 110 10.51 -38.49 -23.61
C TYR E 110 11.44 -39.32 -24.49
N PRO E 111 11.19 -39.39 -25.82
CA PRO E 111 12.04 -40.16 -26.72
C PRO E 111 13.34 -39.43 -27.02
N PHE E 112 14.38 -40.20 -27.36
CA PHE E 112 15.61 -39.63 -27.85
C PHE E 112 15.41 -39.26 -29.30
N GLU E 113 15.86 -38.06 -29.68
CA GLU E 113 15.86 -37.61 -31.06
C GLU E 113 17.15 -36.85 -31.33
N LYS E 114 17.74 -37.08 -32.51
CA LYS E 114 19.02 -36.49 -32.88
C LYS E 114 18.95 -34.96 -32.73
N ASP E 115 17.95 -34.34 -33.35
CA ASP E 115 17.78 -32.90 -33.31
C ASP E 115 16.84 -32.52 -32.16
N ASN E 116 17.20 -31.43 -31.47
CA ASN E 116 16.38 -30.88 -30.41
C ASN E 116 15.82 -32.02 -29.54
N ASN E 117 16.76 -32.73 -28.89
CA ASN E 117 16.46 -33.95 -28.18
C ASN E 117 15.43 -33.67 -27.09
N PRO E 118 14.21 -34.25 -27.16
CA PRO E 118 13.23 -34.10 -26.10
C PRO E 118 13.82 -34.33 -24.71
N VAL E 119 14.54 -35.44 -24.58
CA VAL E 119 15.13 -35.86 -23.32
C VAL E 119 16.05 -34.75 -22.82
N GLY E 120 16.68 -34.06 -23.77
CA GLY E 120 17.56 -32.96 -23.46
C GLY E 120 16.79 -31.80 -22.85
N ASN E 121 15.61 -31.52 -23.41
CA ASN E 121 14.79 -30.41 -22.95
C ASN E 121 14.21 -30.74 -21.59
N PHE E 122 13.88 -32.02 -21.39
CA PHE E 122 13.46 -32.49 -20.09
C PHE E 122 14.60 -32.30 -19.11
N ALA E 123 15.81 -32.71 -19.52
CA ALA E 123 16.95 -32.68 -18.63
C ALA E 123 17.17 -31.25 -18.12
N THR E 124 17.03 -30.27 -19.02
CA THR E 124 17.29 -28.87 -18.73
C THR E 124 16.34 -28.37 -17.66
N THR E 125 15.03 -28.63 -17.85
CA THR E 125 14.00 -28.07 -17.01
C THR E 125 14.07 -28.69 -15.61
N VAL E 126 14.41 -29.99 -15.53
CA VAL E 126 14.58 -30.66 -14.26
C VAL E 126 15.83 -30.11 -13.58
N SER E 127 16.89 -30.00 -14.39
CA SER E 127 18.14 -29.41 -13.95
C SER E 127 17.86 -28.05 -13.30
N ASP E 128 17.03 -27.22 -13.94
CA ASP E 128 16.73 -25.90 -13.39
C ASP E 128 15.97 -26.02 -12.07
N ARG E 129 15.22 -27.11 -11.88
CA ARG E 129 14.40 -27.25 -10.68
C ARG E 129 15.24 -27.80 -9.52
N SER E 130 16.22 -28.65 -9.85
CA SER E 130 17.04 -29.34 -8.85
C SER E 130 18.18 -28.46 -8.34
N ARG E 131 18.46 -27.34 -9.04
CA ARG E 131 19.47 -26.38 -8.64
C ARG E 131 18.99 -25.69 -7.35
N ARG F 4 21.65 -23.37 -7.62
CA ARG F 4 21.04 -22.02 -7.46
CA ARG F 4 21.05 -22.02 -7.45
C ARG F 4 20.12 -22.04 -6.24
N ASN F 5 18.82 -22.37 -6.45
CA ASN F 5 17.76 -22.01 -5.51
C ASN F 5 17.70 -22.94 -4.30
N LEU F 6 17.65 -24.26 -4.53
CA LEU F 6 17.61 -25.23 -3.44
C LEU F 6 18.91 -25.14 -2.63
N ASN F 7 20.05 -25.11 -3.33
CA ASN F 7 21.36 -25.15 -2.70
C ASN F 7 21.69 -23.83 -2.00
N ALA F 8 21.31 -22.69 -2.59
CA ALA F 8 21.47 -21.40 -1.93
C ALA F 8 20.72 -21.41 -0.61
N ALA F 9 19.49 -21.92 -0.67
CA ALA F 9 18.64 -22.01 0.50
C ALA F 9 19.31 -22.90 1.55
N ARG F 10 19.81 -24.06 1.09
CA ARG F 10 20.49 -25.00 1.97
C ARG F 10 21.67 -24.31 2.67
N GLU F 11 22.49 -23.54 1.92
CA GLU F 11 23.65 -22.88 2.52
C GLU F 11 23.22 -21.78 3.48
N LEU F 12 22.21 -20.99 3.05
CA LEU F 12 21.63 -19.97 3.90
C LEU F 12 21.21 -20.58 5.25
N PHE F 13 20.46 -21.69 5.21
CA PHE F 13 19.92 -22.27 6.44
C PHE F 13 21.05 -22.79 7.33
N LEU F 14 22.06 -23.42 6.72
CA LEU F 14 23.19 -23.96 7.48
C LEU F 14 23.91 -22.84 8.20
N ASP F 15 24.09 -21.70 7.52
CA ASP F 15 24.78 -20.57 8.12
C ASP F 15 23.92 -19.97 9.23
N GLU F 16 22.66 -19.72 8.88
CA GLU F 16 21.68 -19.19 9.80
C GLU F 16 21.65 -20.03 11.08
N LEU F 17 21.78 -21.36 10.94
CA LEU F 17 21.65 -22.26 12.07
C LEU F 17 22.86 -22.12 12.99
N LYS F 18 24.04 -21.98 12.36
CA LYS F 18 25.30 -21.83 13.08
C LYS F 18 25.27 -20.56 13.91
N ALA F 19 24.78 -19.46 13.30
CA ALA F 19 24.64 -18.17 13.97
C ALA F 19 23.79 -18.32 15.23
N LEU F 20 22.60 -18.92 15.08
CA LEU F 20 21.66 -19.06 16.19
C LEU F 20 22.29 -19.95 17.27
N THR F 21 22.90 -21.03 16.82
CA THR F 21 23.51 -21.97 17.75
C THR F 21 24.60 -21.24 18.54
N ALA F 22 25.38 -20.38 17.87
CA ALA F 22 26.42 -19.60 18.55
C ALA F 22 25.81 -18.65 19.58
N GLU F 23 24.84 -17.84 19.12
CA GLU F 23 24.20 -16.87 20.00
C GLU F 23 23.64 -17.58 21.23
N LEU F 24 22.94 -18.69 20.99
CA LEU F 24 22.36 -19.44 22.10
C LEU F 24 23.46 -19.85 23.08
N LYS F 25 24.62 -20.22 22.56
CA LYS F 25 25.70 -20.72 23.37
C LYS F 25 26.26 -19.58 24.23
N VAL F 26 26.32 -18.36 23.65
CA VAL F 26 26.75 -17.19 24.40
C VAL F 26 25.75 -16.97 25.54
N TYR F 27 24.46 -16.89 25.21
CA TYR F 27 23.43 -16.65 26.21
C TYR F 27 23.49 -17.74 27.28
N SER F 28 23.90 -18.94 26.87
CA SER F 28 24.06 -20.04 27.80
C SER F 28 25.18 -19.76 28.81
N VAL F 29 26.28 -19.16 28.36
CA VAL F 29 27.39 -18.80 29.24
C VAL F 29 26.94 -17.67 30.17
N ILE F 30 26.21 -16.68 29.62
CA ILE F 30 25.76 -15.55 30.41
C ILE F 30 24.79 -16.02 31.48
N GLN F 31 23.88 -16.93 31.09
CA GLN F 31 22.83 -17.44 31.97
C GLN F 31 23.44 -18.23 33.14
N SER F 32 24.61 -18.82 32.87
CA SER F 32 25.35 -19.59 33.84
C SER F 32 25.79 -18.70 35.00
N GLN F 33 26.50 -17.62 34.63
CA GLN F 33 26.97 -16.63 35.57
C GLN F 33 25.84 -16.09 36.43
N ILE F 34 24.72 -15.72 35.82
CA ILE F 34 23.56 -15.21 36.54
C ILE F 34 23.06 -16.25 37.54
N ASN F 35 22.82 -17.49 37.06
CA ASN F 35 22.30 -18.53 37.92
C ASN F 35 23.21 -18.79 39.12
N ALA F 36 24.52 -18.62 38.92
CA ALA F 36 25.48 -18.77 40.01
C ALA F 36 25.28 -17.69 41.08
N ALA F 37 25.19 -16.44 40.61
CA ALA F 37 24.97 -15.29 41.47
C ALA F 37 23.67 -15.44 42.25
N LEU F 38 22.60 -15.89 41.57
CA LEU F 38 21.33 -16.14 42.23
C LEU F 38 21.48 -17.26 43.26
N SER F 39 22.22 -18.32 42.92
CA SER F 39 22.37 -19.43 43.86
C SER F 39 23.18 -19.01 45.09
N ALA F 40 24.16 -18.11 44.92
CA ALA F 40 24.98 -17.67 46.04
C ALA F 40 24.35 -16.50 46.82
N LYS F 41 23.17 -16.04 46.38
CA LYS F 41 22.53 -14.83 46.88
C LYS F 41 23.49 -13.65 46.79
N GLN F 42 24.05 -13.42 45.61
CA GLN F 42 25.03 -12.35 45.43
C GLN F 42 24.69 -11.52 44.19
N GLY F 43 25.40 -10.40 44.07
CA GLY F 43 25.31 -9.53 42.91
C GLY F 43 26.14 -10.06 41.75
N ILE F 44 25.98 -9.43 40.59
CA ILE F 44 26.78 -9.80 39.43
C ILE F 44 27.30 -8.52 38.77
N ARG F 45 28.55 -8.61 38.30
CA ARG F 45 29.20 -7.56 37.55
C ARG F 45 29.23 -7.96 36.07
N ILE F 46 28.69 -7.10 35.19
CA ILE F 46 28.55 -7.48 33.79
C ILE F 46 29.40 -6.57 32.92
N ASP F 47 30.29 -5.79 33.55
CA ASP F 47 31.14 -4.85 32.85
C ASP F 47 32.51 -5.48 32.61
N ALA F 48 33.52 -4.64 32.38
CA ALA F 48 34.87 -5.12 32.09
C ALA F 48 35.51 -5.80 33.30
N GLY F 49 34.86 -5.68 34.47
CA GLY F 49 35.30 -6.40 35.65
C GLY F 49 34.60 -7.76 35.81
N GLY F 50 33.65 -8.09 34.91
CA GLY F 50 33.06 -9.43 34.84
C GLY F 50 33.87 -10.31 33.90
N ILE F 51 33.30 -11.44 33.47
CA ILE F 51 33.97 -12.34 32.53
C ILE F 51 34.09 -11.68 31.15
N ASP F 52 35.09 -12.13 30.39
CA ASP F 52 35.28 -11.75 29.00
C ASP F 52 34.68 -12.85 28.14
N LEU F 53 33.74 -12.50 27.24
CA LEU F 53 33.02 -13.47 26.44
C LEU F 53 33.78 -13.87 25.17
N VAL F 54 34.88 -13.14 24.85
CA VAL F 54 35.75 -13.47 23.72
C VAL F 54 36.87 -14.36 24.22
N ASP F 55 36.53 -15.30 25.08
CA ASP F 55 37.45 -16.32 25.52
C ASP F 55 37.12 -17.59 24.72
N PRO F 56 38.00 -18.05 23.80
CA PRO F 56 37.73 -19.29 23.06
C PRO F 56 37.35 -20.49 23.94
N THR F 57 37.96 -20.61 25.12
CA THR F 57 37.74 -21.77 25.98
C THR F 57 36.29 -21.83 26.46
N LEU F 58 35.53 -20.73 26.37
CA LEU F 58 34.12 -20.76 26.73
C LEU F 58 33.30 -21.54 25.71
N TYR F 59 33.91 -21.91 24.56
CA TYR F 59 33.15 -22.49 23.46
C TYR F 59 33.83 -23.77 22.97
N GLY F 60 34.76 -24.32 23.77
CA GLY F 60 35.44 -25.56 23.45
C GLY F 60 36.62 -25.40 22.49
N TYR F 61 37.14 -24.16 22.34
CA TYR F 61 38.35 -23.92 21.55
C TYR F 61 39.51 -23.57 22.45
N ALA F 62 40.71 -24.06 22.10
CA ALA F 62 41.90 -23.74 22.86
C ALA F 62 42.45 -22.41 22.37
N VAL F 63 43.19 -21.74 23.27
CA VAL F 63 43.95 -20.56 22.93
C VAL F 63 44.88 -20.89 21.76
N GLY F 64 44.88 -20.05 20.73
CA GLY F 64 45.80 -20.16 19.63
C GLY F 64 45.25 -21.00 18.47
N ASP F 65 44.27 -21.86 18.77
CA ASP F 65 43.60 -22.66 17.75
C ASP F 65 43.18 -21.75 16.61
N PRO F 66 43.71 -21.94 15.37
CA PRO F 66 43.44 -21.00 14.27
C PRO F 66 41.97 -20.96 13.87
N ARG F 67 41.26 -22.08 14.09
CA ARG F 67 39.87 -22.22 13.70
C ARG F 67 38.93 -21.35 14.56
N TRP F 68 39.35 -20.98 15.78
CA TRP F 68 38.56 -20.10 16.63
C TRP F 68 38.16 -18.86 15.85
N LYS F 69 39.14 -18.23 15.20
CA LYS F 69 38.89 -17.01 14.43
C LYS F 69 37.85 -17.26 13.35
N ASP F 70 37.71 -18.51 12.88
CA ASP F 70 36.74 -18.81 11.83
C ASP F 70 35.43 -19.34 12.42
N SER F 71 35.30 -19.32 13.75
CA SER F 71 34.11 -19.90 14.37
C SER F 71 32.92 -18.96 14.22
N PRO F 72 31.68 -19.52 14.23
CA PRO F 72 30.47 -18.70 14.28
C PRO F 72 30.38 -17.83 15.54
N GLU F 73 30.89 -18.36 16.67
CA GLU F 73 30.95 -17.60 17.90
C GLU F 73 31.77 -16.33 17.69
N TYR F 74 33.02 -16.49 17.21
CA TYR F 74 33.90 -15.35 16.99
C TYR F 74 33.26 -14.42 15.95
N ALA F 75 32.66 -15.02 14.92
CA ALA F 75 31.99 -14.23 13.90
C ALA F 75 30.93 -13.33 14.52
N LEU F 76 30.06 -13.93 15.34
CA LEU F 76 29.00 -13.17 16.02
C LEU F 76 29.61 -12.07 16.89
N LEU F 77 30.57 -12.46 17.75
CA LEU F 77 31.07 -11.58 18.81
C LEU F 77 31.89 -10.43 18.24
N SER F 78 32.79 -10.70 17.28
CA SER F 78 33.73 -9.67 16.83
C SER F 78 33.04 -8.62 15.95
N ASN F 79 31.81 -8.91 15.50
CA ASN F 79 31.11 -8.01 14.60
C ASN F 79 30.10 -7.13 15.34
N LEU F 80 30.06 -7.24 16.66
CA LEU F 80 29.18 -6.39 17.44
C LEU F 80 29.84 -5.02 17.53
N ASP F 81 29.03 -3.97 17.42
CA ASP F 81 29.52 -2.61 17.51
C ASP F 81 30.20 -2.33 18.85
N THR F 82 29.98 -3.17 19.87
CA THR F 82 30.60 -2.98 21.18
C THR F 82 31.95 -3.72 21.26
N PHE F 83 32.31 -4.49 20.23
CA PHE F 83 33.51 -5.30 20.29
C PHE F 83 34.74 -4.39 20.29
N SER F 84 35.72 -4.74 21.12
CA SER F 84 36.95 -3.95 21.27
C SER F 84 38.17 -4.85 21.41
N GLY F 85 38.03 -6.14 21.08
CA GLY F 85 39.04 -7.14 21.37
C GLY F 85 38.58 -7.98 22.55
N LYS F 86 38.13 -7.31 23.59
CA LYS F 86 37.40 -7.95 24.66
C LYS F 86 35.92 -7.69 24.41
N LEU F 87 35.09 -8.35 25.21
CA LEU F 87 33.66 -8.17 25.14
C LEU F 87 33.04 -8.62 26.46
N SER F 88 32.46 -7.66 27.19
CA SER F 88 31.79 -7.95 28.45
C SER F 88 30.35 -8.40 28.20
N ILE F 89 29.76 -9.07 29.20
CA ILE F 89 28.36 -9.39 29.19
C ILE F 89 27.56 -8.17 28.71
N LYS F 90 27.76 -7.03 29.35
CA LYS F 90 27.00 -5.85 28.96
C LYS F 90 27.27 -5.50 27.49
N ASP F 91 28.54 -5.61 27.05
CA ASP F 91 28.90 -5.29 25.67
C ASP F 91 28.09 -6.17 24.71
N PHE F 92 28.06 -7.47 25.02
CA PHE F 92 27.34 -8.44 24.23
C PHE F 92 25.86 -8.05 24.18
N LEU F 93 25.23 -7.97 25.36
CA LEU F 93 23.80 -7.68 25.47
C LEU F 93 23.41 -6.36 24.79
N SER F 94 24.29 -5.36 24.81
CA SER F 94 23.95 -4.10 24.20
C SER F 94 24.52 -3.98 22.79
N GLY F 95 25.16 -5.05 22.30
CA GLY F 95 25.81 -5.04 20.99
C GLY F 95 24.88 -5.41 19.83
N SER F 96 25.14 -4.80 18.66
CA SER F 96 24.48 -5.15 17.41
C SER F 96 25.50 -5.35 16.32
N PRO F 97 25.23 -6.24 15.32
CA PRO F 97 23.94 -6.95 15.21
C PRO F 97 23.90 -8.37 15.75
N LYS F 98 22.78 -8.73 16.37
CA LYS F 98 22.54 -10.10 16.78
C LYS F 98 21.04 -10.35 16.67
N GLN F 99 20.63 -11.63 16.74
CA GLN F 99 19.28 -12.05 16.39
C GLN F 99 18.27 -11.69 17.49
N SER F 100 18.79 -11.49 18.72
CA SER F 100 17.98 -11.15 19.87
C SER F 100 17.84 -9.64 20.09
N GLY F 101 18.41 -8.82 19.19
CA GLY F 101 18.31 -7.37 19.33
C GLY F 101 19.30 -6.84 20.35
N GLU F 102 18.95 -5.73 21.00
CA GLU F 102 19.83 -5.06 21.96
C GLU F 102 19.08 -4.82 23.26
N LEU F 103 19.80 -4.96 24.39
CA LEU F 103 19.38 -4.36 25.64
C LEU F 103 20.18 -3.09 25.88
N LYS F 104 19.50 -1.95 26.06
CA LYS F 104 20.17 -0.73 26.50
C LYS F 104 19.66 -0.36 27.90
N GLY F 105 20.29 0.68 28.46
CA GLY F 105 19.98 1.07 29.82
C GLY F 105 20.44 0.00 30.81
N LEU F 106 21.47 -0.76 30.42
CA LEU F 106 22.05 -1.72 31.33
C LEU F 106 23.05 -1.03 32.24
N SER F 107 23.08 -1.45 33.51
CA SER F 107 24.09 -1.00 34.46
C SER F 107 25.25 -1.99 34.49
N ASP F 108 26.43 -1.50 34.89
CA ASP F 108 27.66 -2.30 34.97
C ASP F 108 27.55 -3.40 36.02
N GLU F 109 26.72 -3.18 37.04
CA GLU F 109 26.63 -4.06 38.19
C GLU F 109 25.17 -4.20 38.59
N TYR F 110 24.79 -5.40 39.04
CA TYR F 110 23.48 -5.59 39.64
C TYR F 110 23.69 -6.21 41.01
N PRO F 111 23.41 -5.47 42.11
CA PRO F 111 23.60 -5.99 43.46
C PRO F 111 22.46 -6.94 43.82
N PHE F 112 22.74 -7.86 44.75
CA PHE F 112 21.72 -8.69 45.34
C PHE F 112 21.00 -7.82 46.37
N GLU F 113 19.67 -7.88 46.35
CA GLU F 113 18.84 -7.20 47.33
C GLU F 113 17.66 -8.10 47.67
N LYS F 114 17.32 -8.17 48.96
CA LYS F 114 16.29 -9.09 49.43
C LYS F 114 14.97 -8.84 48.67
N ASP F 115 14.53 -7.58 48.63
CA ASP F 115 13.30 -7.20 47.95
C ASP F 115 13.61 -6.77 46.51
N ASN F 116 12.73 -7.18 45.59
CA ASN F 116 12.84 -6.79 44.19
C ASN F 116 14.30 -6.89 43.73
N ASN F 117 14.84 -8.11 43.77
CA ASN F 117 16.26 -8.35 43.57
C ASN F 117 16.66 -7.83 42.19
N PRO F 118 17.53 -6.80 42.10
CA PRO F 118 18.03 -6.34 40.81
C PRO F 118 18.48 -7.49 39.92
N VAL F 119 19.31 -8.38 40.49
CA VAL F 119 19.90 -9.50 39.77
C VAL F 119 18.76 -10.34 39.19
N GLY F 120 17.65 -10.39 39.93
CA GLY F 120 16.48 -11.13 39.51
C GLY F 120 15.86 -10.51 38.26
N ASN F 121 15.82 -9.17 38.24
CA ASN F 121 15.21 -8.44 37.13
C ASN F 121 16.11 -8.53 35.91
N PHE F 122 17.43 -8.51 36.16
CA PHE F 122 18.38 -8.76 35.10
C PHE F 122 18.17 -10.17 34.55
N ALA F 123 18.03 -11.14 35.46
CA ALA F 123 17.94 -12.52 35.05
C ALA F 123 16.74 -12.70 34.10
N THR F 124 15.61 -12.04 34.44
CA THR F 124 14.36 -12.17 33.70
C THR F 124 14.54 -11.67 32.27
N THR F 125 15.11 -10.47 32.13
CA THR F 125 15.17 -9.80 30.85
C THR F 125 16.15 -10.54 29.92
N VAL F 126 17.24 -11.07 30.47
CA VAL F 126 18.20 -11.86 29.71
C VAL F 126 17.52 -13.17 29.31
N SER F 127 16.86 -13.79 30.30
CA SER F 127 16.07 -14.98 30.08
C SER F 127 15.15 -14.78 28.89
N ASP F 128 14.43 -13.65 28.85
CA ASP F 128 13.51 -13.40 27.75
C ASP F 128 14.26 -13.26 26.42
N ARG F 129 15.52 -12.83 26.46
CA ARG F 129 16.28 -12.60 25.23
C ARG F 129 16.90 -13.89 24.71
N SER F 130 17.25 -14.79 25.64
CA SER F 130 17.93 -16.04 25.32
C SER F 130 16.98 -17.13 24.85
N ARG F 131 15.67 -16.91 25.02
CA ARG F 131 14.67 -17.86 24.60
C ARG F 131 14.59 -17.82 23.06
#